data_2OR9
#
_entry.id   2OR9
#
_cell.length_a   76.068
_cell.length_b   111.880
_cell.length_c   134.119
_cell.angle_alpha   90.00
_cell.angle_beta   90.00
_cell.angle_gamma   90.00
#
_symmetry.space_group_name_H-M   'P 21 21 21'
#
loop_
_entity.id
_entity.type
_entity.pdbx_description
1 polymer 'Monoclonal anti-c-myc antibody 9E10'
2 polymer 'Monoclonal anti-c-myc antibody 9E10'
3 polymer 'synthetic epitope peptide of 9E10'
4 water water
#
loop_
_entity_poly.entity_id
_entity_poly.type
_entity_poly.pdbx_seq_one_letter_code
_entity_poly.pdbx_strand_id
1 'polypeptide(L)'
;DIVLTQSPASLAVSLGQRATISCRASESVDNYGFSFMNWFQQKPGQPPKLLIYAISNRGSGVPARFSGSGSGTDFSLNIH
PVEEDDPAMYFCQQTKEVPWTFGGGTKLEIKRADAAPTVSIFPPSSEQLTSGGASVVCFLNNFYPKDINVKWKIDGSERQ
NGVLNSWTDQDSKDSTYSMSSTLTLTKDEYERHNSYTCEATHKTSTSPIVKSFNRNEC
;
L,M
2 'polypeptide(L)'
;EVHLVESGGDLVKPGGSLKLSCAASGFTFSHYGMSWVRQTPDKRLEWVATIGSRGTYTHYPDSVKGRFTISRDNDKNALY
LQMNSLKSEDTAMYYCARRSEFYYYGNTYYYSAMDYWGQGASVTVSSAKTTPPSVYPLAPGSAAQTNSMVTLGCLVKGYF
PEPVTVTWNSGSLSSGVHTFPAVLQSDLYTLSSSVTVPSSTWPSETVTCNVAHPASSTKVDKKIVPRD
;
H,I
3 'polypeptide(L)' EQKLISEEDLN P
#
# COMPACT_ATOMS: atom_id res chain seq x y z
N ASP A 1 4.79 11.41 -31.69
CA ASP A 1 4.56 12.30 -30.52
C ASP A 1 3.08 12.59 -30.26
N ILE A 2 2.75 12.78 -28.98
CA ILE A 2 1.40 13.08 -28.55
C ILE A 2 1.48 14.37 -27.76
N VAL A 3 1.14 15.49 -28.38
CA VAL A 3 1.20 16.77 -27.70
C VAL A 3 -0.07 17.11 -26.93
N LEU A 4 0.13 17.75 -25.78
CA LEU A 4 -0.99 18.13 -24.95
C LEU A 4 -1.15 19.63 -25.03
N THR A 5 -2.40 20.07 -25.08
CA THR A 5 -2.69 21.49 -25.14
C THR A 5 -3.38 21.90 -23.84
N GLN A 6 -2.73 22.80 -23.11
CA GLN A 6 -3.24 23.27 -21.84
C GLN A 6 -3.93 24.62 -21.95
N SER A 7 -5.12 24.74 -21.37
CA SER A 7 -5.87 26.00 -21.39
C SER A 7 -6.65 26.20 -20.09
N PRO A 8 -6.70 27.45 -19.59
CA PRO A 8 -6.10 28.67 -20.15
C PRO A 8 -4.60 28.66 -19.90
N ALA A 9 -3.92 29.70 -20.39
CA ALA A 9 -2.49 29.82 -20.20
C ALA A 9 -2.21 30.28 -18.77
N SER A 10 -2.99 31.25 -18.31
CA SER A 10 -2.83 31.75 -16.95
C SER A 10 -4.23 31.81 -16.36
N LEU A 11 -4.31 32.11 -15.07
CA LEU A 11 -5.60 32.16 -14.40
C LEU A 11 -5.51 32.92 -13.08
N ALA A 12 -6.51 33.76 -12.84
CA ALA A 12 -6.59 34.54 -11.61
C ALA A 12 -7.86 34.13 -10.86
N VAL A 13 -7.68 33.69 -9.63
CA VAL A 13 -8.82 33.25 -8.83
C VAL A 13 -8.77 33.81 -7.41
N SER A 14 -9.93 34.16 -6.88
CA SER A 14 -9.96 34.70 -5.53
C SER A 14 -9.79 33.56 -4.54
N LEU A 15 -9.41 33.92 -3.32
CA LEU A 15 -9.20 32.97 -2.27
C LEU A 15 -10.51 32.32 -1.88
N GLY A 16 -10.53 30.99 -1.89
CA GLY A 16 -11.74 30.27 -1.54
C GLY A 16 -12.51 29.84 -2.78
N GLN A 17 -12.18 30.44 -3.91
CA GLN A 17 -12.87 30.12 -5.14
C GLN A 17 -12.31 28.85 -5.76
N ARG A 18 -12.88 28.47 -6.90
CA ARG A 18 -12.45 27.27 -7.60
C ARG A 18 -11.59 27.63 -8.81
N ALA A 19 -10.58 26.81 -9.06
CA ALA A 19 -9.69 27.01 -10.19
C ALA A 19 -9.79 25.76 -11.05
N THR A 20 -10.08 25.92 -12.33
CA THR A 20 -10.21 24.76 -13.20
C THR A 20 -9.33 24.86 -14.44
N ILE A 21 -8.23 24.09 -14.42
CA ILE A 21 -7.29 24.07 -15.53
C ILE A 21 -7.57 22.85 -16.41
N SER A 22 -7.52 23.03 -17.72
CA SER A 22 -7.80 21.93 -18.64
C SER A 22 -6.56 21.46 -19.39
N CYS A 23 -6.62 20.24 -19.93
CA CYS A 23 -5.52 19.65 -20.67
C CYS A 23 -6.13 18.73 -21.71
N ARG A 24 -5.80 18.97 -22.97
CA ARG A 24 -6.33 18.14 -24.05
C ARG A 24 -5.18 17.47 -24.77
N ALA A 25 -5.39 16.21 -25.15
CA ALA A 25 -4.36 15.42 -25.81
C ALA A 25 -4.61 15.15 -27.28
N SER A 26 -3.51 14.99 -28.02
CA SER A 26 -3.56 14.71 -29.45
C SER A 26 -4.25 13.38 -29.69
N GLU A 27 -3.61 12.29 -29.26
CA GLU A 27 -4.17 10.96 -29.43
C GLU A 27 -4.78 10.55 -28.09
N SER A 28 -5.41 9.37 -28.04
CA SER A 28 -6.03 8.88 -26.80
C SER A 28 -5.00 8.35 -25.81
N VAL A 29 -5.10 8.78 -24.55
CA VAL A 29 -4.18 8.34 -23.51
C VAL A 29 -4.74 7.16 -22.72
N ASP A 30 -5.98 6.79 -23.01
CA ASP A 30 -6.63 5.67 -22.32
C ASP A 30 -5.92 4.34 -22.53
N ASN A 31 -6.07 3.45 -21.57
CA ASN A 31 -5.46 2.13 -21.66
C ASN A 31 -5.72 1.31 -20.41
N TYR A 32 -5.99 0.03 -20.62
CA TYR A 32 -6.25 -0.91 -19.55
C TYR A 32 -7.35 -0.51 -18.56
N GLY A 33 -8.05 0.58 -18.87
CA GLY A 33 -9.10 1.02 -17.97
C GLY A 33 -8.83 2.37 -17.33
N PHE A 34 -7.59 2.83 -17.45
CA PHE A 34 -7.18 4.12 -16.90
C PHE A 34 -6.55 5.00 -18.00
N SER A 35 -5.84 6.05 -17.61
CA SER A 35 -5.20 6.93 -18.57
C SER A 35 -3.89 7.41 -17.96
N PHE A 36 -2.85 7.50 -18.78
CA PHE A 36 -1.55 7.94 -18.29
C PHE A 36 -1.45 9.45 -18.23
N MET A 37 -2.37 10.06 -17.50
CA MET A 37 -2.44 11.50 -17.35
C MET A 37 -1.87 11.88 -15.99
N ASN A 38 -0.96 12.85 -15.96
CA ASN A 38 -0.37 13.25 -14.70
C ASN A 38 -0.23 14.74 -14.57
N TRP A 39 -0.49 15.26 -13.39
CA TRP A 39 -0.39 16.68 -13.13
C TRP A 39 0.72 16.99 -12.16
N PHE A 40 1.45 18.05 -12.46
CA PHE A 40 2.54 18.49 -11.59
C PHE A 40 2.31 19.94 -11.19
N GLN A 41 2.85 20.31 -10.05
CA GLN A 41 2.73 21.67 -9.58
C GLN A 41 4.15 22.19 -9.42
N GLN A 42 4.45 23.30 -10.09
CA GLN A 42 5.78 23.88 -9.96
C GLN A 42 5.73 25.29 -9.43
N LYS A 43 6.19 25.44 -8.19
CA LYS A 43 6.22 26.77 -7.61
C LYS A 43 7.56 27.34 -8.02
N PRO A 44 7.61 28.64 -8.34
CA PRO A 44 8.85 29.29 -8.76
C PRO A 44 10.07 28.98 -7.90
N GLY A 45 11.19 28.71 -8.59
CA GLY A 45 12.44 28.42 -7.90
C GLY A 45 12.51 27.01 -7.35
N GLN A 46 11.52 26.19 -7.67
CA GLN A 46 11.48 24.82 -7.19
C GLN A 46 11.26 23.81 -8.31
N PRO A 47 11.57 22.55 -8.02
CA PRO A 47 11.40 21.47 -9.00
C PRO A 47 9.92 21.10 -9.03
N PRO A 48 9.40 20.73 -10.20
CA PRO A 48 7.98 20.37 -10.23
C PRO A 48 7.65 19.31 -9.16
N LYS A 49 6.41 19.35 -8.67
CA LYS A 49 5.93 18.41 -7.64
C LYS A 49 4.76 17.59 -8.19
N LEU A 50 4.77 16.28 -7.93
CA LEU A 50 3.70 15.40 -8.41
C LEU A 50 2.42 15.63 -7.63
N LEU A 51 1.34 15.95 -8.35
CA LEU A 51 0.04 16.21 -7.74
C LEU A 51 -0.93 15.05 -7.93
N ILE A 52 -1.04 14.62 -9.18
CA ILE A 52 -1.94 13.54 -9.55
C ILE A 52 -1.27 12.58 -10.52
N TYR A 53 -1.71 11.32 -10.47
CA TYR A 53 -1.22 10.29 -11.38
C TYR A 53 -2.44 9.43 -11.74
N ALA A 54 -2.46 8.89 -12.96
CA ALA A 54 -3.57 8.07 -13.43
C ALA A 54 -4.93 8.76 -13.40
N ILE A 55 -5.00 10.01 -13.84
CA ILE A 55 -6.26 10.79 -13.87
C ILE A 55 -6.75 11.45 -12.57
N SER A 56 -6.87 10.69 -11.49
CA SER A 56 -7.39 11.28 -10.26
C SER A 56 -6.71 10.97 -8.94
N ASN A 57 -5.63 10.20 -8.96
CA ASN A 57 -4.94 9.86 -7.72
C ASN A 57 -4.05 10.98 -7.23
N ARG A 58 -4.22 11.35 -5.96
CA ARG A 58 -3.42 12.41 -5.36
C ARG A 58 -2.01 11.92 -5.02
N GLY A 59 -1.02 12.78 -5.17
CA GLY A 59 0.33 12.38 -4.82
C GLY A 59 0.44 12.40 -3.32
N SER A 60 1.55 11.92 -2.78
CA SER A 60 1.71 11.92 -1.33
C SER A 60 1.76 13.36 -0.83
N GLY A 61 0.99 13.63 0.23
CA GLY A 61 0.94 14.96 0.80
C GLY A 61 0.15 15.97 -0.03
N VAL A 62 -0.76 15.49 -0.86
CA VAL A 62 -1.55 16.39 -1.67
C VAL A 62 -2.97 16.36 -1.13
N PRO A 63 -3.44 17.50 -0.58
CA PRO A 63 -4.79 17.61 -0.02
C PRO A 63 -5.92 17.42 -1.02
N ALA A 64 -7.04 16.91 -0.52
CA ALA A 64 -8.23 16.65 -1.33
C ALA A 64 -8.68 17.85 -2.17
N ARG A 65 -8.16 19.03 -1.85
CA ARG A 65 -8.53 20.25 -2.58
C ARG A 65 -8.18 20.07 -4.05
N PHE A 66 -7.21 19.20 -4.31
CA PHE A 66 -6.80 18.92 -5.68
C PHE A 66 -7.44 17.64 -6.19
N SER A 67 -8.02 17.69 -7.38
CA SER A 67 -8.65 16.50 -7.97
C SER A 67 -8.51 16.50 -9.49
N GLY A 68 -8.40 15.30 -10.06
CA GLY A 68 -8.27 15.17 -11.49
C GLY A 68 -9.47 14.47 -12.06
N SER A 69 -9.85 14.79 -13.28
CA SER A 69 -11.01 14.15 -13.89
C SER A 69 -10.77 14.05 -15.37
N GLY A 70 -11.65 13.32 -16.06
CA GLY A 70 -11.51 13.21 -17.49
C GLY A 70 -11.10 11.83 -17.97
N SER A 71 -11.26 11.62 -19.27
CA SER A 71 -10.93 10.35 -19.90
C SER A 71 -10.67 10.59 -21.38
N GLY A 72 -10.10 9.59 -22.05
CA GLY A 72 -9.81 9.70 -23.46
C GLY A 72 -8.74 10.73 -23.80
N THR A 73 -9.19 11.90 -24.28
CA THR A 73 -8.29 12.98 -24.67
C THR A 73 -8.50 14.27 -23.88
N ASP A 74 -9.48 14.26 -22.97
CA ASP A 74 -9.75 15.45 -22.19
C ASP A 74 -9.68 15.27 -20.70
N PHE A 75 -8.88 16.11 -20.07
CA PHE A 75 -8.71 16.04 -18.63
C PHE A 75 -8.62 17.43 -18.05
N SER A 76 -8.80 17.52 -16.74
CA SER A 76 -8.71 18.80 -16.08
C SER A 76 -8.32 18.65 -14.62
N LEU A 77 -7.71 19.70 -14.09
CA LEU A 77 -7.24 19.75 -12.71
C LEU A 77 -8.23 20.66 -12.01
N ASN A 78 -8.65 20.28 -10.82
CA ASN A 78 -9.58 21.11 -10.07
C ASN A 78 -9.05 21.41 -8.69
N ILE A 79 -9.16 22.68 -8.31
CA ILE A 79 -8.70 23.14 -7.01
C ILE A 79 -9.83 23.91 -6.40
N HIS A 80 -10.43 23.35 -5.36
CA HIS A 80 -11.53 23.98 -4.66
C HIS A 80 -11.53 23.56 -3.20
N PRO A 81 -11.36 24.52 -2.29
CA PRO A 81 -11.17 25.94 -2.57
C PRO A 81 -9.70 26.19 -2.86
N VAL A 82 -9.39 27.38 -3.39
CA VAL A 82 -8.01 27.73 -3.67
C VAL A 82 -7.48 28.47 -2.45
N GLU A 83 -6.26 28.15 -2.05
CA GLU A 83 -5.66 28.80 -0.88
C GLU A 83 -4.41 29.58 -1.26
N GLU A 84 -3.96 30.43 -0.35
CA GLU A 84 -2.77 31.27 -0.57
C GLU A 84 -1.59 30.50 -1.15
N ASP A 85 -1.39 29.31 -0.66
CA ASP A 85 -0.28 28.47 -1.08
C ASP A 85 -0.27 28.02 -2.54
N ASP A 86 -1.38 28.13 -3.26
CA ASP A 86 -1.45 27.63 -4.64
C ASP A 86 -0.86 28.37 -5.83
N PRO A 87 -0.72 29.70 -5.75
CA PRO A 87 -0.16 30.37 -6.93
C PRO A 87 1.11 29.68 -7.43
N ALA A 88 1.04 29.13 -8.64
CA ALA A 88 2.18 28.44 -9.24
C ALA A 88 1.92 28.01 -10.68
N MET A 89 2.84 27.20 -11.22
CA MET A 89 2.73 26.69 -12.58
C MET A 89 2.18 25.29 -12.47
N TYR A 90 1.30 24.92 -13.38
CA TYR A 90 0.74 23.59 -13.35
C TYR A 90 0.85 22.94 -14.72
N PHE A 91 1.48 21.77 -14.78
CA PHE A 91 1.63 21.08 -16.05
C PHE A 91 0.90 19.77 -16.00
N CYS A 92 0.51 19.30 -17.17
CA CYS A 92 -0.15 18.01 -17.28
C CYS A 92 0.76 17.20 -18.19
N GLN A 93 1.21 16.06 -17.69
CA GLN A 93 2.09 15.19 -18.44
C GLN A 93 1.35 13.94 -18.84
N GLN A 94 1.86 13.29 -19.87
CA GLN A 94 1.27 12.07 -20.37
C GLN A 94 2.39 11.04 -20.31
N THR A 95 2.04 9.76 -20.12
CA THR A 95 3.05 8.71 -20.06
C THR A 95 2.59 7.45 -20.77
N LYS A 96 1.60 7.58 -21.66
CA LYS A 96 1.09 6.42 -22.37
C LYS A 96 2.10 5.92 -23.41
N GLU A 97 3.09 6.74 -23.72
CA GLU A 97 4.12 6.36 -24.68
C GLU A 97 5.18 7.43 -24.80
N VAL A 98 6.38 7.00 -25.18
CA VAL A 98 7.49 7.93 -25.37
C VAL A 98 7.29 8.66 -26.70
N PRO A 99 7.61 9.97 -26.73
CA PRO A 99 8.13 10.66 -25.55
C PRO A 99 6.99 10.99 -24.61
N TRP A 100 7.30 11.09 -23.33
CA TRP A 100 6.28 11.43 -22.34
C TRP A 100 6.31 12.96 -22.26
N THR A 101 5.41 13.59 -23.00
CA THR A 101 5.34 15.04 -23.08
C THR A 101 4.50 15.78 -22.04
N PHE A 102 5.03 16.91 -21.55
CA PHE A 102 4.34 17.74 -20.58
C PHE A 102 3.51 18.79 -21.28
N GLY A 103 2.40 19.18 -20.67
CA GLY A 103 1.56 20.21 -21.27
C GLY A 103 2.33 21.52 -21.23
N GLY A 104 1.77 22.55 -21.85
CA GLY A 104 2.43 23.85 -21.87
C GLY A 104 2.54 24.50 -20.49
N GLY A 105 1.59 24.18 -19.62
CA GLY A 105 1.62 24.75 -18.29
C GLY A 105 0.58 25.85 -18.14
N THR A 106 -0.01 25.94 -16.96
CA THR A 106 -1.01 26.95 -16.68
C THR A 106 -0.60 27.70 -15.43
N LYS A 107 -0.47 29.02 -15.55
CA LYS A 107 -0.08 29.83 -14.41
C LYS A 107 -1.32 30.18 -13.62
N LEU A 108 -1.26 29.98 -12.31
CA LEU A 108 -2.37 30.28 -11.44
C LEU A 108 -2.01 31.39 -10.49
N GLU A 109 -2.80 32.46 -10.49
CA GLU A 109 -2.55 33.59 -9.61
C GLU A 109 -3.78 33.88 -8.76
N ILE A 110 -3.52 34.33 -7.53
CA ILE A 110 -4.56 34.71 -6.58
C ILE A 110 -5.09 36.07 -7.03
N LYS A 111 -6.41 36.20 -7.15
CA LYS A 111 -6.99 37.49 -7.52
C LYS A 111 -7.30 38.20 -6.22
N ARG A 112 -6.72 39.38 -5.99
CA ARG A 112 -6.97 40.12 -4.76
C ARG A 112 -7.32 41.57 -5.02
N ALA A 113 -7.41 42.36 -3.95
CA ALA A 113 -7.74 43.77 -4.03
C ALA A 113 -6.55 44.58 -4.54
N ASP A 114 -6.83 45.62 -5.33
CA ASP A 114 -5.78 46.46 -5.86
C ASP A 114 -4.95 47.07 -4.74
N ALA A 115 -3.68 47.33 -5.03
CA ALA A 115 -2.79 47.93 -4.04
C ALA A 115 -1.80 48.80 -4.79
N ALA A 116 -1.55 49.98 -4.25
CA ALA A 116 -0.63 50.91 -4.90
C ALA A 116 0.81 50.48 -4.62
N PRO A 117 1.70 50.69 -5.59
CA PRO A 117 3.10 50.29 -5.42
C PRO A 117 3.82 51.22 -4.48
N THR A 118 4.80 50.66 -3.76
CA THR A 118 5.64 51.42 -2.84
C THR A 118 6.92 51.71 -3.64
N VAL A 119 7.11 52.97 -4.01
CA VAL A 119 8.27 53.32 -4.82
C VAL A 119 9.47 53.89 -4.07
N SER A 120 10.66 53.41 -4.46
CA SER A 120 11.93 53.85 -3.90
C SER A 120 12.89 54.14 -5.04
N ILE A 121 13.80 55.09 -4.84
CA ILE A 121 14.76 55.43 -5.86
C ILE A 121 16.15 55.49 -5.22
N PHE A 122 17.11 54.84 -5.86
CA PHE A 122 18.49 54.80 -5.35
C PHE A 122 19.51 55.33 -6.34
N PRO A 123 20.47 56.14 -5.86
CA PRO A 123 21.52 56.73 -6.70
C PRO A 123 22.65 55.73 -6.92
N PRO A 124 23.41 55.90 -8.01
CA PRO A 124 24.52 54.98 -8.28
C PRO A 124 25.34 54.85 -7.01
N SER A 125 25.93 53.67 -6.80
CA SER A 125 26.73 53.43 -5.60
C SER A 125 28.11 54.09 -5.72
N SER A 126 28.65 54.48 -4.56
CA SER A 126 29.95 55.12 -4.50
C SER A 126 30.98 54.32 -5.28
N GLU A 127 30.85 53.00 -5.24
CA GLU A 127 31.77 52.11 -5.97
C GLU A 127 31.53 52.15 -7.46
N GLN A 128 30.35 51.70 -7.88
CA GLN A 128 30.01 51.70 -9.30
C GLN A 128 30.46 53.00 -9.93
N LEU A 129 30.44 54.05 -9.12
CA LEU A 129 30.85 55.39 -9.55
C LEU A 129 32.37 55.44 -9.81
N THR A 130 33.16 55.20 -8.77
CA THR A 130 34.62 55.20 -8.91
C THR A 130 35.05 53.90 -9.61
N SER A 131 34.39 53.64 -10.74
CA SER A 131 34.66 52.45 -11.55
C SER A 131 34.23 52.83 -12.95
N GLY A 132 33.67 54.02 -13.07
CA GLY A 132 33.22 54.52 -14.35
C GLY A 132 31.80 54.14 -14.68
N GLY A 133 31.06 53.72 -13.66
CA GLY A 133 29.69 53.33 -13.88
C GLY A 133 28.66 54.09 -13.05
N ALA A 134 27.43 54.14 -13.55
CA ALA A 134 26.35 54.83 -12.85
C ALA A 134 25.00 54.20 -13.19
N SER A 135 24.40 53.53 -12.21
CA SER A 135 23.10 52.90 -12.40
C SER A 135 22.14 53.41 -11.34
N VAL A 136 20.99 53.88 -11.78
CA VAL A 136 19.98 54.36 -10.86
C VAL A 136 18.92 53.27 -10.75
N VAL A 137 18.77 52.75 -9.54
CA VAL A 137 17.82 51.68 -9.25
C VAL A 137 16.52 52.21 -8.71
N CYS A 138 15.42 51.70 -9.24
CA CYS A 138 14.11 52.11 -8.74
C CYS A 138 13.22 50.90 -8.45
N PHE A 139 12.79 50.77 -7.19
CA PHE A 139 11.94 49.65 -6.78
C PHE A 139 10.46 49.99 -6.62
N LEU A 140 9.62 49.24 -7.32
CA LEU A 140 8.17 49.38 -7.21
C LEU A 140 7.67 48.06 -6.60
N ASN A 141 7.48 48.08 -5.28
CA ASN A 141 7.08 46.89 -4.56
C ASN A 141 5.64 46.68 -4.08
N ASN A 142 5.32 45.42 -3.85
CA ASN A 142 4.04 44.97 -3.36
C ASN A 142 2.81 45.71 -3.88
N PHE A 143 2.49 45.52 -5.15
CA PHE A 143 1.33 46.16 -5.76
C PHE A 143 0.50 45.11 -6.47
N TYR A 144 -0.72 45.46 -6.84
CA TYR A 144 -1.61 44.53 -7.52
C TYR A 144 -2.67 45.32 -8.28
N PRO A 145 -2.99 44.91 -9.53
CA PRO A 145 -2.50 43.79 -10.33
C PRO A 145 -1.07 43.91 -10.84
N LYS A 146 -0.66 42.93 -11.63
CA LYS A 146 0.69 42.84 -12.16
C LYS A 146 1.08 43.98 -13.08
N ASP A 147 0.13 44.39 -13.92
CA ASP A 147 0.33 45.46 -14.89
C ASP A 147 0.72 46.81 -14.32
N ILE A 148 1.87 47.30 -14.70
CA ILE A 148 2.34 48.58 -14.22
C ILE A 148 3.25 49.22 -15.27
N ASN A 149 3.57 50.49 -15.08
CA ASN A 149 4.40 51.19 -16.04
C ASN A 149 5.35 52.17 -15.38
N VAL A 150 6.58 52.23 -15.88
CA VAL A 150 7.54 53.15 -15.31
C VAL A 150 8.18 53.96 -16.41
N LYS A 151 8.53 55.19 -16.07
CA LYS A 151 9.17 56.11 -16.98
C LYS A 151 10.30 56.77 -16.22
N TRP A 152 11.36 57.06 -16.95
CA TRP A 152 12.53 57.70 -16.36
C TRP A 152 12.68 59.11 -16.92
N LYS A 153 12.78 60.08 -16.03
CA LYS A 153 12.96 61.46 -16.47
C LYS A 153 14.25 62.00 -15.91
N ILE A 154 15.07 62.54 -16.81
CA ILE A 154 16.33 63.15 -16.44
C ILE A 154 16.11 64.64 -16.67
N ASP A 155 16.34 65.44 -15.64
CA ASP A 155 16.13 66.87 -15.73
C ASP A 155 14.80 67.21 -16.39
N GLY A 156 13.81 66.35 -16.19
CA GLY A 156 12.50 66.61 -16.75
C GLY A 156 12.20 66.09 -18.14
N SER A 157 12.87 65.03 -18.57
CA SER A 157 12.62 64.46 -19.89
C SER A 157 12.67 62.95 -19.89
N GLU A 158 11.67 62.32 -20.48
CA GLU A 158 11.61 60.87 -20.55
C GLU A 158 12.90 60.34 -21.17
N ARG A 159 13.19 59.07 -20.92
CA ARG A 159 14.37 58.40 -21.44
C ARG A 159 13.97 56.95 -21.69
N GLN A 160 14.41 56.40 -22.81
CA GLN A 160 14.05 55.03 -23.13
C GLN A 160 15.25 54.13 -23.47
N ASN A 161 16.39 54.42 -22.86
CA ASN A 161 17.61 53.64 -23.05
C ASN A 161 18.40 53.52 -21.75
N GLY A 162 18.90 52.32 -21.48
CA GLY A 162 19.65 52.06 -20.26
C GLY A 162 18.74 51.61 -19.13
N VAL A 163 17.50 51.33 -19.50
CA VAL A 163 16.49 50.88 -18.54
C VAL A 163 16.30 49.36 -18.61
N LEU A 164 16.32 48.71 -17.45
CA LEU A 164 16.13 47.26 -17.36
C LEU A 164 15.03 46.97 -16.35
N ASN A 165 13.97 46.29 -16.81
CA ASN A 165 12.86 45.97 -15.92
C ASN A 165 12.75 44.50 -15.56
N SER A 166 12.34 44.21 -14.33
CA SER A 166 12.19 42.84 -13.87
C SER A 166 11.09 42.66 -12.82
N TRP A 167 10.08 41.85 -13.18
CA TRP A 167 8.97 41.56 -12.29
C TRP A 167 9.17 40.26 -11.52
N THR A 168 8.72 40.27 -10.27
CA THR A 168 8.81 39.09 -9.42
C THR A 168 7.52 38.32 -9.63
N ASP A 169 7.48 37.08 -9.16
CA ASP A 169 6.28 36.28 -9.28
C ASP A 169 5.36 36.72 -8.16
N GLN A 170 4.08 36.39 -8.27
CA GLN A 170 3.12 36.76 -7.24
C GLN A 170 3.60 36.26 -5.91
N ASP A 171 3.70 37.15 -4.94
CA ASP A 171 4.12 36.76 -3.61
C ASP A 171 3.05 35.82 -3.05
N SER A 172 3.47 34.87 -2.21
CA SER A 172 2.57 33.89 -1.60
C SER A 172 1.93 34.39 -0.30
N LYS A 173 2.62 35.29 0.40
CA LYS A 173 2.11 35.84 1.65
C LYS A 173 1.08 36.96 1.44
N ASP A 174 1.39 37.92 0.58
CA ASP A 174 0.47 39.03 0.33
C ASP A 174 -0.03 39.15 -1.11
N SER A 175 0.05 38.07 -1.88
CA SER A 175 -0.39 38.08 -3.27
C SER A 175 0.00 39.30 -4.12
N THR A 176 0.98 40.07 -3.66
CA THR A 176 1.40 41.26 -4.39
C THR A 176 2.59 41.01 -5.29
N TYR A 177 2.70 41.82 -6.33
CA TYR A 177 3.82 41.73 -7.27
C TYR A 177 4.79 42.86 -7.00
N SER A 178 6.00 42.73 -7.52
CA SER A 178 7.03 43.74 -7.36
C SER A 178 7.80 43.87 -8.65
N MET A 179 8.33 45.06 -8.89
CA MET A 179 9.09 45.29 -10.11
C MET A 179 10.33 46.09 -9.79
N SER A 180 11.37 45.84 -10.58
CA SER A 180 12.63 46.54 -10.40
C SER A 180 13.02 47.19 -11.71
N SER A 181 13.27 48.49 -11.67
CA SER A 181 13.70 49.17 -12.89
C SER A 181 15.05 49.79 -12.65
N THR A 182 15.94 49.60 -13.61
CA THR A 182 17.29 50.12 -13.49
C THR A 182 17.76 50.94 -14.68
N LEU A 183 18.14 52.18 -14.41
CA LEU A 183 18.63 53.04 -15.48
C LEU A 183 20.15 53.06 -15.36
N THR A 184 20.82 52.59 -16.40
CA THR A 184 22.28 52.54 -16.42
C THR A 184 22.84 53.60 -17.36
N LEU A 185 23.74 54.42 -16.82
CA LEU A 185 24.38 55.50 -17.58
C LEU A 185 25.87 55.60 -17.29
N THR A 186 26.58 56.33 -18.15
CA THR A 186 28.02 56.51 -18.00
C THR A 186 28.22 57.51 -16.86
N LYS A 187 29.38 57.45 -16.23
CA LYS A 187 29.67 58.35 -15.11
C LYS A 187 29.56 59.83 -15.49
N ASP A 188 30.07 60.19 -16.66
CA ASP A 188 30.03 61.58 -17.10
C ASP A 188 28.63 61.97 -17.55
N GLU A 189 27.95 61.03 -18.18
CA GLU A 189 26.59 61.28 -18.67
C GLU A 189 25.68 61.49 -17.47
N TYR A 190 26.07 60.88 -16.35
CA TYR A 190 25.32 61.00 -15.11
C TYR A 190 25.60 62.32 -14.40
N GLU A 191 26.87 62.74 -14.39
CA GLU A 191 27.26 64.00 -13.75
C GLU A 191 26.84 65.20 -14.61
N ARG A 192 26.66 64.95 -15.90
CA ARG A 192 26.23 65.98 -16.83
C ARG A 192 24.91 66.58 -16.33
N HIS A 193 23.84 65.78 -16.45
CA HIS A 193 22.51 66.19 -16.01
C HIS A 193 22.44 66.17 -14.49
N ASN A 194 21.32 66.57 -13.89
CA ASN A 194 21.26 66.65 -12.44
C ASN A 194 20.07 66.06 -11.67
N SER A 195 18.85 66.15 -12.21
CA SER A 195 17.68 65.64 -11.51
C SER A 195 17.09 64.38 -12.15
N TYR A 196 17.20 63.27 -11.44
CA TYR A 196 16.70 61.99 -11.93
C TYR A 196 15.40 61.56 -11.26
N THR A 197 14.38 61.30 -12.06
CA THR A 197 13.10 60.90 -11.51
C THR A 197 12.57 59.57 -12.05
N CYS A 198 11.98 58.81 -11.14
CA CYS A 198 11.39 57.51 -11.42
C CYS A 198 9.89 57.76 -11.37
N GLU A 199 9.18 57.45 -12.46
CA GLU A 199 7.74 57.70 -12.52
C GLU A 199 6.85 56.49 -12.80
N ALA A 200 6.10 56.06 -11.79
CA ALA A 200 5.22 54.91 -11.93
C ALA A 200 3.75 55.27 -12.14
N THR A 201 3.09 54.51 -13.01
CA THR A 201 1.68 54.73 -13.29
C THR A 201 0.93 53.40 -13.16
N HIS A 202 0.19 53.25 -12.06
CA HIS A 202 -0.56 52.03 -11.80
C HIS A 202 -2.08 52.23 -11.73
N LYS A 203 -2.81 51.20 -12.14
CA LYS A 203 -4.27 51.20 -12.15
C LYS A 203 -4.89 51.76 -10.87
N THR A 204 -4.14 51.75 -9.78
CA THR A 204 -4.63 52.27 -8.49
C THR A 204 -4.64 53.81 -8.42
N SER A 205 -4.53 54.47 -9.57
CA SER A 205 -4.53 55.93 -9.64
C SER A 205 -4.19 56.44 -11.04
N THR A 206 -4.70 57.62 -11.37
CA THR A 206 -4.44 58.23 -12.67
C THR A 206 -3.22 59.14 -12.50
N SER A 207 -3.00 59.57 -11.26
CA SER A 207 -1.86 60.42 -10.94
C SER A 207 -0.65 59.53 -10.69
N PRO A 208 0.39 59.68 -11.52
CA PRO A 208 1.62 58.89 -11.41
C PRO A 208 2.31 59.10 -10.07
N ILE A 209 2.90 58.03 -9.55
CA ILE A 209 3.64 58.13 -8.31
C ILE A 209 5.08 58.39 -8.76
N VAL A 210 5.63 59.52 -8.34
CA VAL A 210 6.97 59.86 -8.74
C VAL A 210 7.92 60.04 -7.56
N LYS A 211 9.14 59.57 -7.75
CA LYS A 211 10.18 59.67 -6.75
C LYS A 211 11.41 60.15 -7.51
N SER A 212 12.24 60.97 -6.89
CA SER A 212 13.44 61.48 -7.55
C SER A 212 14.50 61.96 -6.58
N PHE A 213 15.58 62.47 -7.15
CA PHE A 213 16.70 62.99 -6.38
C PHE A 213 17.60 63.85 -7.25
N ASN A 214 18.32 64.77 -6.62
CA ASN A 214 19.23 65.65 -7.33
C ASN A 214 20.65 65.18 -7.04
N ARG A 215 21.42 65.02 -8.11
CA ARG A 215 22.80 64.57 -7.98
C ARG A 215 23.57 65.44 -6.97
N ASN A 216 23.08 66.66 -6.73
CA ASN A 216 23.69 67.62 -5.79
C ASN A 216 24.30 66.99 -4.54
N GLU B 1 12.38 12.52 4.06
CA GLU B 1 12.88 11.12 3.90
C GLU B 1 13.62 10.91 2.59
N VAL B 2 12.88 10.75 1.49
CA VAL B 2 13.50 10.53 0.19
C VAL B 2 14.27 11.77 -0.21
N HIS B 3 15.56 11.60 -0.51
CA HIS B 3 16.39 12.73 -0.92
C HIS B 3 17.25 12.43 -2.14
N LEU B 4 17.13 13.32 -3.12
CA LEU B 4 17.89 13.24 -4.35
C LEU B 4 18.64 14.58 -4.45
N VAL B 5 19.96 14.51 -4.61
CA VAL B 5 20.77 15.71 -4.73
C VAL B 5 21.58 15.68 -6.01
N GLU B 6 21.47 16.73 -6.82
CA GLU B 6 22.18 16.81 -8.09
C GLU B 6 23.49 17.58 -8.00
N SER B 7 24.32 17.44 -9.04
CA SER B 7 25.61 18.11 -9.12
C SER B 7 26.24 17.93 -10.49
N GLY B 8 27.21 18.78 -10.80
CA GLY B 8 27.89 18.71 -12.09
C GLY B 8 27.46 19.79 -13.07
N GLY B 9 26.54 20.65 -12.64
CA GLY B 9 26.07 21.72 -13.50
C GLY B 9 27.18 22.69 -13.82
N ASP B 10 27.16 23.30 -15.00
CA ASP B 10 28.21 24.22 -15.38
C ASP B 10 28.02 24.79 -16.79
N LEU B 11 28.91 25.70 -17.16
CA LEU B 11 28.90 26.34 -18.47
C LEU B 11 29.70 25.43 -19.40
N VAL B 12 29.28 25.33 -20.65
CA VAL B 12 29.99 24.50 -21.62
C VAL B 12 29.87 25.11 -23.00
N LYS B 13 30.98 25.15 -23.73
CA LYS B 13 30.98 25.70 -25.07
C LYS B 13 30.37 24.65 -25.99
N PRO B 14 29.70 25.09 -27.08
CA PRO B 14 29.08 24.14 -28.00
C PRO B 14 30.01 22.99 -28.36
N GLY B 15 29.41 21.83 -28.67
CA GLY B 15 30.19 20.66 -29.02
C GLY B 15 30.93 20.04 -27.86
N GLY B 16 30.70 20.56 -26.66
CA GLY B 16 31.38 20.03 -25.48
C GLY B 16 30.59 18.90 -24.85
N SER B 17 30.98 18.54 -23.63
CA SER B 17 30.31 17.47 -22.92
C SER B 17 30.33 17.72 -21.41
N LEU B 18 29.34 17.14 -20.74
CA LEU B 18 29.20 17.27 -19.29
C LEU B 18 28.58 16.00 -18.71
N LYS B 19 28.90 15.70 -17.47
CA LYS B 19 28.35 14.52 -16.82
C LYS B 19 27.67 14.90 -15.52
N LEU B 20 26.35 14.88 -15.53
CA LEU B 20 25.57 15.20 -14.35
C LEU B 20 25.45 13.96 -13.47
N SER B 21 25.50 14.17 -12.17
CA SER B 21 25.36 13.09 -11.22
C SER B 21 24.17 13.45 -10.34
N CYS B 22 23.53 12.44 -9.74
CA CYS B 22 22.37 12.64 -8.88
C CYS B 22 22.48 11.69 -7.68
N ALA B 23 22.73 12.24 -6.51
CA ALA B 23 22.87 11.44 -5.29
C ALA B 23 21.50 11.09 -4.72
N ALA B 24 21.23 9.78 -4.62
CA ALA B 24 19.95 9.29 -4.10
C ALA B 24 20.09 8.71 -2.71
N SER B 25 19.06 8.91 -1.90
CA SER B 25 19.06 8.41 -0.54
C SER B 25 17.65 8.37 0.07
N GLY B 26 17.51 7.57 1.12
CA GLY B 26 16.22 7.48 1.80
C GLY B 26 15.23 6.49 1.23
N PHE B 27 15.72 5.52 0.46
CA PHE B 27 14.88 4.49 -0.14
C PHE B 27 15.79 3.56 -0.91
N THR B 28 15.35 2.31 -1.12
CA THR B 28 16.18 1.33 -1.82
C THR B 28 16.33 1.63 -3.32
N PHE B 29 17.26 2.52 -3.61
CA PHE B 29 17.59 2.95 -4.96
C PHE B 29 17.46 1.88 -6.04
N SER B 30 18.00 0.70 -5.75
CA SER B 30 17.99 -0.41 -6.72
C SER B 30 16.62 -0.98 -7.09
N HIS B 31 15.57 -0.55 -6.40
CA HIS B 31 14.24 -1.06 -6.70
C HIS B 31 13.44 -0.17 -7.64
N TYR B 32 13.94 1.04 -7.91
CA TYR B 32 13.25 1.98 -8.77
C TYR B 32 14.03 2.39 -10.02
N GLY B 33 13.31 2.81 -11.04
CA GLY B 33 13.95 3.28 -12.25
C GLY B 33 14.00 4.80 -12.13
N MET B 34 15.16 5.40 -12.37
CA MET B 34 15.30 6.85 -12.28
C MET B 34 15.14 7.51 -13.65
N SER B 35 15.06 8.84 -13.66
CA SER B 35 14.94 9.61 -14.91
C SER B 35 15.63 10.97 -14.79
N TRP B 36 15.70 11.67 -15.93
CA TRP B 36 16.29 13.01 -15.99
C TRP B 36 15.33 13.84 -16.82
N VAL B 37 14.95 15.00 -16.31
CA VAL B 37 14.06 15.91 -17.03
C VAL B 37 14.66 17.32 -16.96
N ARG B 38 14.70 18.00 -18.09
CA ARG B 38 15.28 19.34 -18.12
C ARG B 38 14.21 20.38 -18.40
N GLN B 39 14.47 21.60 -17.96
CA GLN B 39 13.54 22.70 -18.17
C GLN B 39 14.28 23.91 -18.70
N THR B 40 13.80 24.43 -19.82
CA THR B 40 14.41 25.57 -20.45
C THR B 40 13.83 26.89 -19.92
N PRO B 41 14.42 28.02 -20.30
CA PRO B 41 13.91 29.32 -19.83
C PRO B 41 12.43 29.55 -20.13
N ASP B 42 11.91 28.93 -21.19
CA ASP B 42 10.51 29.10 -21.51
C ASP B 42 9.61 28.25 -20.61
N LYS B 43 10.21 27.73 -19.53
CA LYS B 43 9.51 26.92 -18.53
C LYS B 43 9.06 25.51 -18.93
N ARG B 44 8.96 25.24 -20.22
CA ARG B 44 8.53 23.91 -20.66
C ARG B 44 9.42 22.77 -20.15
N LEU B 45 8.78 21.75 -19.58
CA LEU B 45 9.49 20.58 -19.05
C LEU B 45 9.63 19.55 -20.14
N GLU B 46 10.83 18.98 -20.27
CA GLU B 46 11.08 17.97 -21.27
C GLU B 46 11.79 16.74 -20.72
N TRP B 47 11.08 15.61 -20.72
CA TRP B 47 11.67 14.35 -20.25
C TRP B 47 12.82 14.06 -21.21
N VAL B 48 13.98 13.74 -20.66
CA VAL B 48 15.17 13.48 -21.48
C VAL B 48 15.71 12.06 -21.45
N ALA B 49 15.64 11.42 -20.28
CA ALA B 49 16.15 10.08 -20.16
C ALA B 49 15.49 9.32 -19.02
N THR B 50 15.71 8.01 -19.03
CA THR B 50 15.19 7.10 -18.04
C THR B 50 15.89 5.74 -18.17
N ILE B 51 16.20 5.14 -17.03
CA ILE B 51 16.86 3.85 -16.99
C ILE B 51 16.02 2.92 -16.12
N GLY B 52 16.15 1.61 -16.35
CA GLY B 52 15.40 0.64 -15.55
C GLY B 52 16.07 0.47 -14.20
N SER B 53 15.36 -0.16 -13.26
CA SER B 53 15.87 -0.39 -11.91
C SER B 53 17.23 -1.09 -11.88
N ARG B 54 17.34 -2.20 -12.60
CA ARG B 54 18.59 -2.96 -12.63
C ARG B 54 19.64 -2.23 -13.45
N GLY B 55 19.20 -1.28 -14.27
CA GLY B 55 20.11 -0.50 -15.09
C GLY B 55 20.42 -1.14 -16.42
N THR B 56 19.56 -2.06 -16.84
CA THR B 56 19.73 -2.77 -18.09
C THR B 56 18.98 -2.12 -19.25
N TYR B 57 17.78 -1.61 -18.97
CA TYR B 57 16.95 -0.94 -19.97
C TYR B 57 17.09 0.56 -19.84
N THR B 58 17.19 1.26 -20.97
CA THR B 58 17.33 2.71 -20.96
C THR B 58 16.65 3.24 -22.19
N HIS B 59 16.22 4.50 -22.13
CA HIS B 59 15.60 5.11 -23.30
C HIS B 59 15.53 6.63 -23.26
N TYR B 60 15.60 7.25 -24.45
CA TYR B 60 15.59 8.70 -24.63
C TYR B 60 14.68 9.19 -25.76
N PRO B 61 14.32 10.49 -25.75
CA PRO B 61 13.47 11.06 -26.79
C PRO B 61 14.39 11.40 -27.95
N ASP B 62 13.86 11.41 -29.18
CA ASP B 62 14.69 11.73 -30.34
C ASP B 62 15.53 12.98 -30.13
N SER B 63 15.16 13.76 -29.12
CA SER B 63 15.89 14.96 -28.76
C SER B 63 17.37 14.67 -28.60
N VAL B 64 17.76 14.16 -27.43
CA VAL B 64 19.17 13.86 -27.16
C VAL B 64 19.62 12.45 -27.52
N LYS B 65 18.96 11.85 -28.51
CA LYS B 65 19.30 10.50 -28.91
C LYS B 65 20.67 10.36 -29.56
N GLY B 66 21.61 9.76 -28.85
CA GLY B 66 22.95 9.56 -29.39
C GLY B 66 23.99 10.44 -28.72
N ARG B 67 23.53 11.52 -28.11
CA ARG B 67 24.45 12.44 -27.45
C ARG B 67 24.41 12.25 -25.93
N PHE B 68 23.28 11.77 -25.43
CA PHE B 68 23.12 11.54 -24.01
C PHE B 68 23.09 10.05 -23.70
N THR B 69 23.46 9.71 -22.47
CA THR B 69 23.44 8.33 -22.00
C THR B 69 23.29 8.31 -20.48
N ILE B 70 22.23 7.66 -20.00
CA ILE B 70 21.97 7.56 -18.56
C ILE B 70 22.61 6.31 -18.01
N SER B 71 23.10 6.41 -16.78
CA SER B 71 23.73 5.28 -16.12
C SER B 71 23.51 5.36 -14.60
N ARG B 72 23.72 4.24 -13.92
CA ARG B 72 23.52 4.22 -12.49
C ARG B 72 24.48 3.27 -11.81
N ASP B 73 24.81 3.60 -10.58
CA ASP B 73 25.69 2.78 -9.75
C ASP B 73 24.90 2.58 -8.48
N ASN B 74 24.21 1.44 -8.40
CA ASN B 74 23.38 1.15 -7.24
C ASN B 74 24.16 0.97 -5.96
N ASP B 75 25.43 0.59 -6.08
CA ASP B 75 26.25 0.41 -4.88
C ASP B 75 26.59 1.77 -4.29
N LYS B 76 26.60 2.80 -5.13
CA LYS B 76 26.91 4.14 -4.67
C LYS B 76 25.63 5.00 -4.65
N ASN B 77 24.48 4.37 -4.83
CA ASN B 77 23.20 5.07 -4.84
C ASN B 77 23.29 6.33 -5.69
N ALA B 78 23.71 6.18 -6.94
CA ALA B 78 23.83 7.36 -7.80
C ALA B 78 23.39 7.18 -9.24
N LEU B 79 22.76 8.23 -9.76
CA LEU B 79 22.28 8.28 -11.12
C LEU B 79 23.22 9.24 -11.86
N TYR B 80 23.49 8.96 -13.12
CA TYR B 80 24.38 9.81 -13.89
C TYR B 80 23.79 10.11 -15.25
N LEU B 81 24.20 11.22 -15.84
CA LEU B 81 23.72 11.60 -17.16
C LEU B 81 24.91 12.19 -17.90
N GLN B 82 25.42 11.45 -18.89
CA GLN B 82 26.56 11.92 -19.68
C GLN B 82 26.02 12.65 -20.91
N MET B 83 26.47 13.88 -21.10
CA MET B 83 26.04 14.69 -22.23
C MET B 83 27.22 15.04 -23.14
N ASN B 84 27.05 14.81 -24.43
CA ASN B 84 28.08 15.06 -25.43
C ASN B 84 27.51 15.92 -26.55
N SER B 85 28.40 16.56 -27.31
CA SER B 85 27.97 17.40 -28.43
C SER B 85 26.89 18.36 -27.98
N LEU B 86 27.14 19.04 -26.86
CA LEU B 86 26.21 19.98 -26.28
C LEU B 86 25.88 21.20 -27.14
N LYS B 87 24.62 21.31 -27.54
CA LYS B 87 24.15 22.45 -28.33
C LYS B 87 23.76 23.53 -27.32
N SER B 88 23.48 24.75 -27.80
CA SER B 88 23.09 25.82 -26.90
C SER B 88 21.67 25.54 -26.41
N GLU B 89 20.92 24.85 -27.27
CA GLU B 89 19.52 24.50 -26.99
C GLU B 89 19.39 23.61 -25.75
N ASP B 90 20.45 22.87 -25.42
CA ASP B 90 20.44 22.00 -24.25
C ASP B 90 20.55 22.80 -22.94
N THR B 91 20.81 24.10 -23.05
CA THR B 91 20.92 24.90 -21.83
C THR B 91 19.56 24.87 -21.13
N ALA B 92 19.57 24.51 -19.85
CA ALA B 92 18.34 24.42 -19.09
C ALA B 92 18.65 23.94 -17.69
N MET B 93 17.59 23.75 -16.91
CA MET B 93 17.74 23.24 -15.56
C MET B 93 17.51 21.75 -15.65
N TYR B 94 18.50 20.98 -15.21
CA TYR B 94 18.38 19.52 -15.28
C TYR B 94 18.02 18.89 -13.93
N TYR B 95 16.90 18.16 -13.92
CA TYR B 95 16.45 17.49 -12.70
C TYR B 95 16.49 15.98 -12.92
N CYS B 96 16.74 15.25 -11.83
CA CYS B 96 16.70 13.80 -11.90
C CYS B 96 15.47 13.45 -11.08
N ALA B 97 14.82 12.33 -11.38
CA ALA B 97 13.64 11.96 -10.62
C ALA B 97 13.51 10.45 -10.46
N ARG B 98 12.81 10.05 -9.40
CA ARG B 98 12.57 8.65 -9.15
C ARG B 98 11.32 8.34 -9.96
N ARG B 99 11.16 7.10 -10.37
CA ARG B 99 9.99 6.65 -11.12
C ARG B 99 9.30 5.60 -10.29
N SER B 100 7.98 5.55 -10.39
CA SER B 100 7.24 4.51 -9.69
C SER B 100 6.31 3.92 -10.74
N GLU B 101 6.02 2.63 -10.60
CA GLU B 101 5.14 2.03 -11.57
C GLU B 101 3.74 2.06 -10.98
N PHE B 102 2.81 1.33 -11.56
CA PHE B 102 1.44 1.41 -11.11
C PHE B 102 0.74 0.12 -10.70
N TYR B 103 0.03 0.18 -9.57
CA TYR B 103 -0.74 -0.96 -9.11
C TYR B 103 -2.19 -0.62 -9.43
N TYR B 104 -2.73 -1.21 -10.49
CA TYR B 104 -4.10 -0.93 -10.85
C TYR B 104 -4.95 -2.16 -10.58
N TYR B 105 -5.86 -2.02 -9.63
CA TYR B 105 -6.79 -3.07 -9.22
C TYR B 105 -6.39 -4.52 -9.32
N GLY B 106 -5.29 -4.90 -8.67
CA GLY B 106 -4.88 -6.29 -8.69
C GLY B 106 -3.88 -6.72 -9.74
N ASN B 107 -3.30 -5.75 -10.42
CA ASN B 107 -2.29 -6.02 -11.43
C ASN B 107 -1.31 -4.85 -11.44
N THR B 108 -0.15 -5.05 -12.07
CA THR B 108 0.89 -4.04 -12.11
C THR B 108 1.25 -3.57 -13.52
N TYR B 109 1.48 -2.27 -13.65
CA TYR B 109 1.79 -1.66 -14.93
C TYR B 109 2.92 -0.65 -14.90
N TYR B 110 3.80 -0.67 -15.90
CA TYR B 110 4.84 0.35 -15.97
C TYR B 110 4.10 1.67 -16.17
N TYR B 111 4.43 2.67 -15.35
CA TYR B 111 3.73 3.91 -15.47
C TYR B 111 4.65 5.09 -15.70
N SER B 112 5.79 5.08 -15.03
CA SER B 112 6.77 6.15 -15.15
C SER B 112 6.27 7.43 -14.47
N ALA B 113 5.87 7.29 -13.21
CA ALA B 113 5.39 8.42 -12.41
C ALA B 113 6.56 8.99 -11.64
N MET B 114 6.97 10.20 -11.99
CA MET B 114 8.09 10.82 -11.32
C MET B 114 7.62 11.47 -10.02
N ASP B 115 7.71 10.72 -8.94
CA ASP B 115 7.24 11.19 -7.64
C ASP B 115 8.18 12.01 -6.76
N TYR B 116 9.45 12.10 -7.16
CA TYR B 116 10.43 12.87 -6.39
C TYR B 116 11.47 13.48 -7.31
N TRP B 117 11.82 14.74 -7.05
CA TRP B 117 12.82 15.44 -7.87
C TRP B 117 13.94 16.11 -7.06
N GLY B 118 15.11 16.21 -7.67
CA GLY B 118 16.24 16.86 -7.03
C GLY B 118 16.04 18.36 -7.20
N GLN B 119 16.89 19.17 -6.58
CA GLN B 119 16.74 20.62 -6.69
C GLN B 119 17.00 21.13 -8.11
N GLY B 120 17.82 20.39 -8.86
CA GLY B 120 18.14 20.79 -10.22
C GLY B 120 19.60 21.19 -10.41
N ALA B 121 20.03 21.16 -11.67
CA ALA B 121 21.39 21.53 -12.03
C ALA B 121 21.34 22.35 -13.31
N SER B 122 21.68 23.64 -13.18
CA SER B 122 21.66 24.56 -14.32
C SER B 122 22.77 24.22 -15.30
N VAL B 123 22.41 24.13 -16.57
CA VAL B 123 23.39 23.81 -17.61
C VAL B 123 23.28 24.80 -18.76
N THR B 124 24.37 25.50 -19.03
CA THR B 124 24.38 26.47 -20.11
C THR B 124 25.45 26.12 -21.16
N VAL B 125 25.02 26.12 -22.41
CA VAL B 125 25.87 25.84 -23.55
C VAL B 125 26.01 27.14 -24.36
N SER B 126 27.10 27.87 -24.10
CA SER B 126 27.39 29.13 -24.76
C SER B 126 28.89 29.33 -24.93
N SER B 127 29.27 29.93 -26.06
CA SER B 127 30.68 30.19 -26.34
C SER B 127 31.19 31.36 -25.49
N ALA B 128 30.26 32.19 -24.99
CA ALA B 128 30.62 33.35 -24.17
C ALA B 128 31.48 32.99 -22.96
N LYS B 129 32.35 33.92 -22.58
CA LYS B 129 33.24 33.71 -21.45
C LYS B 129 32.49 33.78 -20.13
N THR B 130 33.12 33.26 -19.09
CA THR B 130 32.56 33.26 -17.76
C THR B 130 33.01 34.55 -17.06
N THR B 131 32.04 35.36 -16.67
CA THR B 131 32.34 36.63 -16.02
C THR B 131 31.72 36.80 -14.65
N PRO B 132 32.54 37.09 -13.63
CA PRO B 132 31.99 37.26 -12.29
C PRO B 132 31.12 38.52 -12.30
N PRO B 133 30.16 38.64 -11.37
CA PRO B 133 29.32 39.84 -11.38
C PRO B 133 29.91 40.94 -10.52
N SER B 134 29.43 42.15 -10.73
CA SER B 134 29.86 43.30 -9.97
C SER B 134 28.72 43.56 -8.98
N VAL B 135 29.03 43.52 -7.69
CA VAL B 135 28.03 43.72 -6.65
C VAL B 135 28.03 45.13 -6.06
N TYR B 136 27.00 45.91 -6.39
CA TYR B 136 26.88 47.29 -5.91
C TYR B 136 25.74 47.47 -4.91
N PRO B 137 26.02 48.09 -3.75
CA PRO B 137 25.01 48.32 -2.71
C PRO B 137 24.04 49.42 -3.13
N LEU B 138 22.81 49.35 -2.63
CA LEU B 138 21.79 50.34 -2.95
C LEU B 138 21.17 50.86 -1.66
N ALA B 139 21.57 52.05 -1.25
CA ALA B 139 21.03 52.65 -0.04
C ALA B 139 20.14 53.83 -0.42
N PRO B 140 19.25 54.26 0.50
CA PRO B 140 18.33 55.39 0.25
C PRO B 140 19.01 56.69 -0.22
N GLY B 141 18.42 57.31 -1.23
CA GLY B 141 18.95 58.54 -1.80
C GLY B 141 19.26 59.65 -0.81
N SER B 142 18.27 60.02 0.00
CA SER B 142 18.44 61.07 1.00
C SER B 142 18.09 60.58 2.40
N SER B 148 8.96 54.38 9.36
CA SER B 148 9.20 53.29 10.30
C SER B 148 9.92 52.15 9.59
N MET B 149 9.99 52.27 8.26
CA MET B 149 10.64 51.26 7.44
C MET B 149 11.44 51.86 6.30
N VAL B 150 12.48 51.13 5.89
CA VAL B 150 13.35 51.57 4.80
C VAL B 150 13.64 50.39 3.86
N THR B 151 13.73 50.70 2.57
CA THR B 151 14.01 49.68 1.58
C THR B 151 15.45 49.81 1.09
N LEU B 152 16.14 48.68 0.99
CA LEU B 152 17.53 48.65 0.53
C LEU B 152 17.63 47.62 -0.58
N GLY B 153 18.81 47.53 -1.20
CA GLY B 153 18.98 46.58 -2.27
C GLY B 153 20.40 46.42 -2.77
N CYS B 154 20.61 45.38 -3.55
CA CYS B 154 21.93 45.11 -4.10
C CYS B 154 21.77 44.99 -5.59
N LEU B 155 22.77 45.52 -6.30
CA LEU B 155 22.78 45.49 -7.74
C LEU B 155 23.80 44.43 -8.13
N VAL B 156 23.47 43.59 -9.11
CA VAL B 156 24.37 42.54 -9.57
C VAL B 156 24.44 42.61 -11.09
N LYS B 157 25.45 43.32 -11.59
CA LYS B 157 25.57 43.51 -13.03
C LYS B 157 26.80 42.87 -13.71
N GLY B 158 26.63 42.61 -15.01
CA GLY B 158 27.67 42.05 -15.86
C GLY B 158 28.24 40.68 -15.58
N TYR B 159 27.39 39.69 -15.39
CA TYR B 159 27.88 38.34 -15.11
C TYR B 159 27.29 37.35 -16.11
N PHE B 160 27.96 36.19 -16.23
CA PHE B 160 27.52 35.15 -17.16
C PHE B 160 28.25 33.87 -16.79
N PRO B 161 27.54 32.74 -16.82
CA PRO B 161 26.12 32.66 -17.17
C PRO B 161 25.26 32.62 -15.91
N GLU B 162 23.97 32.32 -16.06
CA GLU B 162 23.10 32.19 -14.92
C GLU B 162 23.55 30.88 -14.26
N PRO B 163 23.33 30.73 -12.95
CA PRO B 163 22.67 31.73 -12.11
C PRO B 163 23.59 32.23 -11.02
N VAL B 164 23.01 33.05 -10.15
CA VAL B 164 23.70 33.60 -8.99
C VAL B 164 22.69 33.45 -7.87
N THR B 165 23.17 33.41 -6.64
CA THR B 165 22.29 33.28 -5.50
C THR B 165 22.46 34.48 -4.58
N VAL B 166 21.35 35.12 -4.26
CA VAL B 166 21.37 36.30 -3.40
C VAL B 166 20.79 36.00 -2.04
N THR B 167 21.36 36.62 -1.02
CA THR B 167 20.88 36.44 0.35
C THR B 167 21.18 37.67 1.17
N TRP B 168 20.32 37.94 2.15
CA TRP B 168 20.53 39.10 3.00
C TRP B 168 20.81 38.63 4.41
N ASN B 169 21.93 39.12 4.96
CA ASN B 169 22.35 38.74 6.30
C ASN B 169 22.45 37.22 6.42
N SER B 170 22.91 36.60 5.34
CA SER B 170 23.13 35.16 5.24
C SER B 170 21.88 34.29 5.46
N GLY B 171 20.70 34.87 5.25
CA GLY B 171 19.47 34.12 5.44
C GLY B 171 18.67 34.59 6.64
N SER B 172 19.28 35.39 7.51
CA SER B 172 18.59 35.90 8.69
C SER B 172 17.40 36.73 8.23
N LEU B 173 17.60 37.48 7.15
CA LEU B 173 16.54 38.31 6.57
C LEU B 173 15.92 37.57 5.40
N SER B 174 14.68 37.12 5.61
CA SER B 174 13.94 36.37 4.60
C SER B 174 12.73 37.14 4.10
N SER B 175 11.95 37.70 5.03
CA SER B 175 10.76 38.47 4.67
C SER B 175 11.15 39.89 4.26
N GLY B 176 10.32 40.50 3.42
CA GLY B 176 10.59 41.85 2.96
C GLY B 176 11.64 41.85 1.87
N VAL B 177 11.97 40.67 1.37
CA VAL B 177 12.97 40.53 0.34
C VAL B 177 12.36 40.27 -1.03
N HIS B 178 12.95 40.89 -2.04
CA HIS B 178 12.52 40.73 -3.42
C HIS B 178 13.75 40.61 -4.31
N THR B 179 14.00 39.40 -4.79
CA THR B 179 15.12 39.15 -5.68
C THR B 179 14.50 38.94 -7.05
N PHE B 180 14.78 39.85 -7.97
CA PHE B 180 14.19 39.78 -9.29
C PHE B 180 14.95 38.97 -10.32
N PRO B 181 14.22 38.42 -11.31
CA PRO B 181 14.80 37.62 -12.39
C PRO B 181 15.87 38.44 -13.10
N ALA B 182 16.97 37.80 -13.47
CA ALA B 182 18.03 38.51 -14.16
C ALA B 182 17.61 38.79 -15.60
N VAL B 183 18.15 39.86 -16.17
CA VAL B 183 17.83 40.23 -17.54
C VAL B 183 19.06 40.02 -18.43
N LEU B 184 18.82 39.69 -19.69
CA LEU B 184 19.89 39.47 -20.64
C LEU B 184 20.17 40.71 -21.47
N GLN B 185 21.41 41.16 -21.44
CA GLN B 185 21.83 42.34 -22.20
C GLN B 185 23.16 42.05 -22.90
N SER B 186 23.09 41.81 -24.21
CA SER B 186 24.29 41.52 -25.01
C SER B 186 25.26 40.58 -24.31
N ASP B 187 24.81 39.36 -24.05
CA ASP B 187 25.62 38.33 -23.39
C ASP B 187 26.13 38.71 -22.01
N LEU B 188 25.24 39.32 -21.22
CA LEU B 188 25.55 39.71 -19.85
C LEU B 188 24.26 39.95 -19.06
N TYR B 189 24.03 39.07 -18.08
CA TYR B 189 22.85 39.17 -17.24
C TYR B 189 23.07 40.20 -16.15
N THR B 190 21.95 40.71 -15.64
CA THR B 190 21.96 41.68 -14.54
C THR B 190 20.66 41.51 -13.75
N LEU B 191 20.76 41.55 -12.43
CA LEU B 191 19.58 41.44 -11.59
C LEU B 191 19.82 42.18 -10.29
N SER B 192 18.73 42.51 -9.61
CA SER B 192 18.81 43.24 -8.36
C SER B 192 18.01 42.52 -7.31
N SER B 193 18.17 42.95 -6.07
CA SER B 193 17.44 42.36 -4.96
C SER B 193 17.15 43.51 -4.03
N SER B 194 16.00 43.48 -3.36
CA SER B 194 15.65 44.55 -2.44
C SER B 194 15.10 43.93 -1.17
N VAL B 195 15.38 44.59 -0.06
CA VAL B 195 14.93 44.11 1.23
C VAL B 195 14.43 45.33 2.00
N THR B 196 13.26 45.20 2.60
CA THR B 196 12.68 46.30 3.38
C THR B 196 12.68 45.91 4.85
N VAL B 197 13.19 46.80 5.69
CA VAL B 197 13.25 46.56 7.14
C VAL B 197 12.92 47.83 7.92
N PRO B 198 12.67 47.68 9.22
CA PRO B 198 12.34 48.87 10.02
C PRO B 198 13.57 49.76 10.18
N SER B 199 13.32 51.07 10.29
CA SER B 199 14.39 52.05 10.46
C SER B 199 15.11 51.81 11.79
N SER B 200 14.54 50.94 12.60
CA SER B 200 15.08 50.60 13.90
C SER B 200 16.30 49.70 13.74
N THR B 201 16.20 48.73 12.83
CA THR B 201 17.29 47.79 12.61
C THR B 201 18.43 48.33 11.75
N TRP B 202 18.17 49.35 10.95
CA TRP B 202 19.19 49.94 10.07
C TRP B 202 19.17 51.47 10.13
N PRO B 203 20.36 52.11 10.17
CA PRO B 203 21.68 51.46 10.18
C PRO B 203 22.15 50.96 11.55
N SER B 204 21.25 50.99 12.53
CA SER B 204 21.58 50.53 13.88
C SER B 204 22.25 49.16 13.84
N GLU B 205 21.80 48.31 12.92
CA GLU B 205 22.36 46.99 12.78
C GLU B 205 22.75 46.76 11.32
N THR B 206 23.75 45.91 11.10
CA THR B 206 24.25 45.64 9.76
C THR B 206 23.23 45.03 8.81
N VAL B 207 23.43 45.34 7.53
CA VAL B 207 22.60 44.81 6.45
C VAL B 207 23.55 44.51 5.32
N THR B 208 23.71 43.23 5.03
CA THR B 208 24.64 42.82 3.99
C THR B 208 24.04 41.77 3.09
N CYS B 209 24.32 41.86 1.79
CA CYS B 209 23.81 40.86 0.86
C CYS B 209 24.93 39.93 0.46
N ASN B 210 24.60 38.66 0.35
CA ASN B 210 25.57 37.65 -0.04
C ASN B 210 25.22 37.24 -1.46
N VAL B 211 26.15 37.44 -2.37
CA VAL B 211 25.93 37.06 -3.75
C VAL B 211 26.94 35.96 -4.05
N ALA B 212 26.69 35.19 -5.09
CA ALA B 212 27.62 34.12 -5.43
C ALA B 212 27.41 33.61 -6.85
N HIS B 213 28.51 33.54 -7.60
CA HIS B 213 28.48 33.05 -8.97
C HIS B 213 29.35 31.78 -8.99
N PRO B 214 28.71 30.61 -8.96
CA PRO B 214 29.42 29.32 -8.98
C PRO B 214 30.22 29.09 -10.27
N ALA B 215 29.76 29.72 -11.35
CA ALA B 215 30.43 29.59 -12.65
C ALA B 215 31.87 30.15 -12.63
N SER B 216 32.10 31.16 -11.80
CA SER B 216 33.42 31.75 -11.70
C SER B 216 33.91 31.78 -10.26
N SER B 217 33.44 30.83 -9.46
CA SER B 217 33.84 30.72 -8.06
C SER B 217 33.86 32.07 -7.35
N THR B 218 32.79 32.83 -7.52
CA THR B 218 32.66 34.14 -6.91
C THR B 218 31.83 34.11 -5.63
N LYS B 219 32.02 35.11 -4.78
CA LYS B 219 31.28 35.22 -3.53
C LYS B 219 31.58 36.52 -2.82
N VAL B 220 30.75 37.53 -3.10
CA VAL B 220 30.88 38.86 -2.52
C VAL B 220 29.83 39.12 -1.43
N ASP B 221 30.22 39.89 -0.41
CA ASP B 221 29.32 40.23 0.69
C ASP B 221 29.34 41.75 0.89
N LYS B 222 28.58 42.48 0.08
CA LYS B 222 28.52 43.94 0.16
C LYS B 222 27.64 44.48 1.27
N LYS B 223 28.27 45.00 2.32
CA LYS B 223 27.51 45.60 3.43
C LYS B 223 26.97 46.94 2.93
N ILE B 224 25.67 47.13 3.05
CA ILE B 224 25.09 48.39 2.62
C ILE B 224 25.35 49.44 3.69
N VAL B 225 25.87 50.59 3.26
CA VAL B 225 26.20 51.69 4.17
C VAL B 225 25.41 52.95 3.80
N PRO B 226 25.03 53.76 4.80
CA PRO B 226 24.26 55.00 4.63
C PRO B 226 24.90 56.12 3.79
N ASP C 1 1.53 -2.20 6.04
CA ASP C 1 0.49 -3.21 6.40
C ASP C 1 -0.41 -2.69 7.49
N ILE C 2 -1.70 -2.98 7.37
CA ILE C 2 -2.67 -2.58 8.37
C ILE C 2 -2.82 -3.79 9.27
N VAL C 3 -2.92 -3.56 10.57
CA VAL C 3 -3.04 -4.66 11.51
C VAL C 3 -4.44 -4.70 12.09
N LEU C 4 -5.02 -5.89 12.11
CA LEU C 4 -6.36 -6.05 12.66
C LEU C 4 -6.25 -6.86 13.94
N THR C 5 -6.84 -6.31 15.00
CA THR C 5 -6.87 -6.93 16.32
C THR C 5 -8.33 -7.24 16.58
N GLN C 6 -8.61 -8.51 16.83
CA GLN C 6 -9.97 -8.97 17.06
C GLN C 6 -10.26 -9.23 18.53
N SER C 7 -11.41 -8.77 18.98
CA SER C 7 -11.81 -8.97 20.37
C SER C 7 -13.33 -9.15 20.48
N PRO C 8 -13.79 -10.04 21.38
CA PRO C 8 -12.99 -10.89 22.28
C PRO C 8 -12.39 -12.03 21.48
N ALA C 9 -11.61 -12.87 22.13
CA ALA C 9 -11.00 -14.00 21.44
C ALA C 9 -12.03 -15.13 21.27
N SER C 10 -12.88 -15.30 22.28
CA SER C 10 -13.93 -16.31 22.21
C SER C 10 -15.20 -15.65 22.75
N LEU C 11 -16.33 -16.31 22.61
CA LEU C 11 -17.56 -15.70 23.06
C LEU C 11 -18.62 -16.78 23.20
N ALA C 12 -19.40 -16.69 24.28
CA ALA C 12 -20.47 -17.64 24.55
C ALA C 12 -21.80 -16.88 24.60
N VAL C 13 -22.73 -17.26 23.72
CA VAL C 13 -24.02 -16.59 23.64
C VAL C 13 -25.17 -17.58 23.61
N SER C 14 -26.26 -17.24 24.28
CA SER C 14 -27.42 -18.10 24.32
C SER C 14 -28.17 -18.02 22.99
N LEU C 15 -28.98 -19.03 22.73
CA LEU C 15 -29.75 -19.08 21.50
C LEU C 15 -30.76 -17.93 21.46
N GLY C 16 -30.76 -17.18 20.37
CA GLY C 16 -31.69 -16.07 20.24
C GLY C 16 -31.10 -14.75 20.68
N GLN C 17 -29.98 -14.82 21.40
CA GLN C 17 -29.31 -13.62 21.86
C GLN C 17 -28.47 -13.01 20.73
N ARG C 18 -27.82 -11.90 21.05
CA ARG C 18 -27.00 -11.21 20.07
C ARG C 18 -25.53 -11.46 20.34
N ALA C 19 -24.76 -11.60 19.28
CA ALA C 19 -23.32 -11.82 19.42
C ALA C 19 -22.62 -10.66 18.73
N THR C 20 -21.71 -9.99 19.45
CA THR C 20 -21.02 -8.86 18.84
C THR C 20 -19.50 -9.00 18.84
N ILE C 21 -18.93 -9.27 17.67
CA ILE C 21 -17.49 -9.44 17.55
C ILE C 21 -16.89 -8.17 16.97
N SER C 22 -15.80 -7.71 17.55
CA SER C 22 -15.16 -6.48 17.09
C SER C 22 -13.85 -6.67 16.39
N CYS C 23 -13.50 -5.65 15.61
CA CYS C 23 -12.24 -5.69 14.88
C CYS C 23 -11.74 -4.26 14.79
N ARG C 24 -10.47 -4.09 15.11
CA ARG C 24 -9.86 -2.77 15.05
C ARG C 24 -8.70 -2.76 14.10
N ALA C 25 -8.64 -1.72 13.28
CA ALA C 25 -7.55 -1.57 12.31
C ALA C 25 -6.52 -0.56 12.80
N SER C 26 -5.25 -0.77 12.44
CA SER C 26 -4.20 0.13 12.84
C SER C 26 -4.14 1.37 11.93
N GLU C 27 -5.11 1.49 11.02
CA GLU C 27 -5.20 2.62 10.08
C GLU C 27 -6.58 2.60 9.48
N SER C 28 -7.07 3.76 9.04
CA SER C 28 -8.40 3.80 8.44
C SER C 28 -8.47 2.81 7.29
N VAL C 29 -9.56 2.07 7.24
CA VAL C 29 -9.81 1.07 6.22
C VAL C 29 -10.69 1.72 5.14
N ASP C 30 -11.11 2.96 5.41
CA ASP C 30 -11.98 3.75 4.53
C ASP C 30 -11.34 4.32 3.27
N ASN C 31 -12.22 4.73 2.37
CA ASN C 31 -11.84 5.37 1.13
C ASN C 31 -12.98 5.51 0.17
N TYR C 32 -12.96 6.60 -0.60
CA TYR C 32 -13.98 6.93 -1.60
C TYR C 32 -15.39 6.89 -1.03
N GLY C 33 -15.51 6.93 0.29
CA GLY C 33 -16.83 6.89 0.89
C GLY C 33 -17.22 5.55 1.46
N PHE C 34 -16.38 4.54 1.23
CA PHE C 34 -16.61 3.17 1.69
C PHE C 34 -15.64 2.74 2.77
N SER C 35 -15.98 1.64 3.43
CA SER C 35 -15.15 1.02 4.45
C SER C 35 -14.87 -0.40 3.95
N PHE C 36 -13.63 -0.65 3.55
CA PHE C 36 -13.23 -1.94 3.04
C PHE C 36 -12.90 -3.01 4.08
N MET C 37 -13.92 -3.39 4.84
CA MET C 37 -13.77 -4.39 5.88
C MET C 37 -14.70 -5.56 5.57
N ASN C 38 -14.12 -6.75 5.37
CA ASN C 38 -14.95 -7.91 5.12
C ASN C 38 -14.88 -8.87 6.32
N TRP C 39 -15.94 -9.65 6.56
CA TRP C 39 -15.94 -10.67 7.63
C TRP C 39 -16.12 -12.07 7.00
N PHE C 40 -15.54 -13.09 7.64
CA PHE C 40 -15.66 -14.48 7.19
C PHE C 40 -16.14 -15.38 8.31
N GLN C 41 -16.76 -16.50 7.93
CA GLN C 41 -17.21 -17.47 8.93
C GLN C 41 -16.49 -18.76 8.60
N GLN C 42 -15.89 -19.39 9.60
CA GLN C 42 -15.22 -20.66 9.36
C GLN C 42 -15.72 -21.72 10.31
N LYS C 43 -16.45 -22.68 9.77
CA LYS C 43 -16.94 -23.77 10.58
C LYS C 43 -15.85 -24.82 10.52
N PRO C 44 -15.62 -25.51 11.64
CA PRO C 44 -14.58 -26.53 11.68
C PRO C 44 -14.59 -27.50 10.51
N GLY C 45 -13.39 -27.83 10.03
CA GLY C 45 -13.28 -28.75 8.92
C GLY C 45 -13.67 -28.17 7.59
N GLN C 46 -13.89 -26.86 7.55
CA GLN C 46 -14.28 -26.22 6.30
C GLN C 46 -13.44 -24.98 6.00
N PRO C 47 -13.50 -24.50 4.75
CA PRO C 47 -12.77 -23.32 4.33
C PRO C 47 -13.57 -22.11 4.79
N PRO C 48 -12.90 -20.98 5.08
CA PRO C 48 -13.67 -19.82 5.52
C PRO C 48 -14.73 -19.41 4.48
N LYS C 49 -15.85 -18.87 4.95
CA LYS C 49 -16.94 -18.44 4.07
C LYS C 49 -17.17 -16.92 4.18
N LEU C 50 -17.34 -16.26 3.04
CA LEU C 50 -17.55 -14.81 3.05
C LEU C 50 -18.92 -14.43 3.58
N LEU C 51 -18.93 -13.62 4.63
CA LEU C 51 -20.17 -13.18 5.26
C LEU C 51 -20.54 -11.77 4.87
N ILE C 52 -19.60 -10.86 5.05
CA ILE C 52 -19.82 -9.46 4.77
C ILE C 52 -18.63 -8.91 4.04
N TYR C 53 -18.90 -7.95 3.16
CA TYR C 53 -17.84 -7.27 2.43
C TYR C 53 -18.26 -5.82 2.33
N ALA C 54 -17.27 -4.94 2.50
CA ALA C 54 -17.45 -3.50 2.46
C ALA C 54 -18.43 -3.11 3.55
N ILE C 55 -18.35 -3.83 4.66
CA ILE C 55 -19.15 -3.65 5.87
C ILE C 55 -20.68 -3.68 5.80
N SER C 56 -21.28 -3.25 4.68
CA SER C 56 -22.74 -3.23 4.60
C SER C 56 -23.39 -4.16 3.56
N ASN C 57 -22.63 -5.10 3.03
CA ASN C 57 -23.16 -6.01 2.03
C ASN C 57 -23.04 -7.40 2.57
N ARG C 58 -24.03 -8.24 2.24
CA ARG C 58 -24.02 -9.62 2.68
C ARG C 58 -23.51 -10.49 1.56
N GLY C 59 -22.85 -11.58 1.90
CA GLY C 59 -22.34 -12.47 0.87
C GLY C 59 -23.43 -13.40 0.40
N SER C 60 -23.21 -14.10 -0.72
CA SER C 60 -24.25 -15.01 -1.22
C SER C 60 -24.76 -15.94 -0.12
N GLY C 61 -26.09 -16.08 -0.06
CA GLY C 61 -26.71 -16.94 0.91
C GLY C 61 -26.34 -16.66 2.35
N VAL C 62 -26.35 -15.39 2.75
CA VAL C 62 -26.04 -15.05 4.14
C VAL C 62 -27.27 -14.34 4.68
N PRO C 63 -27.96 -14.96 5.65
CA PRO C 63 -29.17 -14.36 6.24
C PRO C 63 -28.97 -13.03 6.97
N ALA C 64 -30.01 -12.21 6.97
CA ALA C 64 -29.98 -10.89 7.59
C ALA C 64 -29.54 -10.91 9.05
N ARG C 65 -29.52 -12.09 9.67
CA ARG C 65 -29.12 -12.23 11.06
C ARG C 65 -27.69 -11.67 11.21
N PHE C 66 -26.94 -11.70 10.12
CA PHE C 66 -25.58 -11.20 10.10
C PHE C 66 -25.51 -9.80 9.52
N SER C 67 -24.87 -8.89 10.24
CA SER C 67 -24.72 -7.51 9.80
C SER C 67 -23.40 -6.92 10.25
N GLY C 68 -22.84 -6.04 9.43
CA GLY C 68 -21.58 -5.39 9.74
C GLY C 68 -21.82 -3.91 9.98
N SER C 69 -21.01 -3.32 10.84
CA SER C 69 -21.17 -1.90 11.13
C SER C 69 -19.82 -1.29 11.47
N GLY C 70 -19.76 0.05 11.44
CA GLY C 70 -18.52 0.73 11.77
C GLY C 70 -17.88 1.48 10.61
N SER C 71 -16.84 2.26 10.93
CA SER C 71 -16.14 3.04 9.92
C SER C 71 -14.75 3.39 10.42
N GLY C 72 -13.91 3.87 9.52
CA GLY C 72 -12.56 4.24 9.90
C GLY C 72 -11.67 3.10 10.34
N THR C 73 -11.52 2.95 11.66
CA THR C 73 -10.67 1.90 12.20
C THR C 73 -11.43 0.93 13.08
N ASP C 74 -12.71 1.19 13.29
CA ASP C 74 -13.53 0.33 14.14
C ASP C 74 -14.75 -0.30 13.52
N PHE C 75 -14.78 -1.63 13.56
CA PHE C 75 -15.91 -2.36 13.00
C PHE C 75 -16.32 -3.53 13.87
N SER C 76 -17.52 -4.03 13.61
CA SER C 76 -18.02 -5.16 14.36
C SER C 76 -18.99 -6.01 13.52
N LEU C 77 -19.08 -7.27 13.89
CA LEU C 77 -19.95 -8.23 13.23
C LEU C 77 -21.08 -8.44 14.22
N ASN C 78 -22.31 -8.41 13.74
CA ASN C 78 -23.44 -8.64 14.64
C ASN C 78 -24.27 -9.82 14.18
N ILE C 79 -24.64 -10.67 15.13
CA ILE C 79 -25.45 -11.84 14.85
C ILE C 79 -26.59 -11.82 15.84
N HIS C 80 -27.79 -11.55 15.34
CA HIS C 80 -28.99 -11.50 16.18
C HIS C 80 -30.24 -11.91 15.39
N PRO C 81 -30.88 -13.00 15.80
CA PRO C 81 -30.52 -13.84 16.94
C PRO C 81 -29.46 -14.84 16.51
N VAL C 82 -28.84 -15.50 17.48
CA VAL C 82 -27.84 -16.51 17.16
C VAL C 82 -28.58 -17.84 17.09
N GLU C 83 -28.25 -18.66 16.10
CA GLU C 83 -28.88 -19.97 15.95
C GLU C 83 -27.86 -21.10 16.08
N GLU C 84 -28.35 -22.32 16.22
CA GLU C 84 -27.52 -23.49 16.39
C GLU C 84 -26.39 -23.58 15.41
N ASP C 85 -26.68 -23.23 14.18
CA ASP C 85 -25.71 -23.31 13.12
C ASP C 85 -24.46 -22.40 13.20
N ASP C 86 -24.48 -21.38 14.06
CA ASP C 86 -23.37 -20.41 14.16
C ASP C 86 -22.05 -20.68 14.87
N PRO C 87 -22.01 -21.63 15.81
CA PRO C 87 -20.73 -21.85 16.49
C PRO C 87 -19.59 -22.06 15.49
N ALA C 88 -18.62 -21.16 15.50
CA ALA C 88 -17.48 -21.24 14.57
C ALA C 88 -16.44 -20.15 14.82
N MET C 89 -15.48 -20.07 13.91
CA MET C 89 -14.43 -19.08 13.98
C MET C 89 -14.84 -17.91 13.06
N TYR C 90 -14.66 -16.69 13.51
CA TYR C 90 -14.99 -15.55 12.68
C TYR C 90 -13.77 -14.64 12.53
N PHE C 91 -13.42 -14.30 11.30
CA PHE C 91 -12.26 -13.43 11.07
C PHE C 91 -12.67 -12.16 10.35
N CYS C 92 -11.89 -11.09 10.54
CA CYS C 92 -12.14 -9.86 9.79
C CYS C 92 -11.00 -9.76 8.78
N GLN C 93 -11.30 -9.26 7.59
CA GLN C 93 -10.24 -9.11 6.60
C GLN C 93 -10.39 -7.76 5.95
N GLN C 94 -9.30 -7.01 6.00
CA GLN C 94 -9.21 -5.64 5.47
C GLN C 94 -8.84 -5.75 3.99
N THR C 95 -9.56 -5.04 3.12
CA THR C 95 -9.28 -5.11 1.68
C THR C 95 -9.06 -3.76 0.96
N LYS C 96 -8.60 -2.76 1.70
CA LYS C 96 -8.32 -1.44 1.15
C LYS C 96 -6.94 -1.41 0.54
N GLU C 97 -5.96 -1.90 1.29
CA GLU C 97 -4.58 -1.91 0.86
C GLU C 97 -3.97 -3.32 0.83
N VAL C 98 -3.11 -3.52 -0.16
CA VAL C 98 -2.41 -4.77 -0.29
C VAL C 98 -1.29 -4.67 0.74
N PRO C 99 -0.98 -5.76 1.45
CA PRO C 99 -1.63 -7.07 1.33
C PRO C 99 -2.90 -7.06 2.18
N TRP C 100 -3.94 -7.75 1.75
CA TRP C 100 -5.15 -7.76 2.58
C TRP C 100 -4.78 -8.59 3.80
N THR C 101 -5.19 -8.11 4.98
CA THR C 101 -4.85 -8.82 6.22
C THR C 101 -6.04 -9.26 7.08
N PHE C 102 -5.88 -10.39 7.77
CA PHE C 102 -6.92 -10.95 8.63
C PHE C 102 -6.76 -10.69 10.13
N GLY C 103 -7.87 -10.70 10.84
CA GLY C 103 -7.82 -10.54 12.27
C GLY C 103 -7.41 -11.89 12.83
N GLY C 104 -7.22 -11.96 14.14
CA GLY C 104 -6.81 -13.21 14.76
C GLY C 104 -7.92 -14.24 14.84
N GLY C 105 -9.16 -13.76 14.77
CA GLY C 105 -10.28 -14.67 14.82
C GLY C 105 -10.95 -14.76 16.17
N THR C 106 -12.26 -14.88 16.16
CA THR C 106 -13.02 -14.98 17.38
C THR C 106 -13.85 -16.23 17.35
N LYS C 107 -13.68 -17.09 18.34
CA LYS C 107 -14.46 -18.31 18.40
C LYS C 107 -15.78 -18.02 19.10
N LEU C 108 -16.86 -18.47 18.48
CA LEU C 108 -18.19 -18.29 19.01
C LEU C 108 -18.78 -19.63 19.37
N GLU C 109 -19.24 -19.76 20.61
CA GLU C 109 -19.86 -21.00 21.06
C GLU C 109 -21.25 -20.67 21.60
N ILE C 110 -22.21 -21.57 21.43
CA ILE C 110 -23.57 -21.33 21.92
C ILE C 110 -23.73 -21.77 23.37
N LYS C 111 -24.60 -21.09 24.10
CA LYS C 111 -24.83 -21.44 25.49
C LYS C 111 -26.22 -22.04 25.57
N ARG C 112 -26.32 -23.28 26.05
CA ARG C 112 -27.61 -23.97 26.17
C ARG C 112 -27.78 -24.62 27.55
N ALA C 113 -28.85 -25.40 27.68
CA ALA C 113 -29.14 -26.07 28.95
C ALA C 113 -28.22 -27.26 29.16
N ASP C 114 -27.88 -27.53 30.42
CA ASP C 114 -27.03 -28.67 30.74
C ASP C 114 -27.65 -29.97 30.25
N ALA C 115 -26.79 -30.94 29.93
CA ALA C 115 -27.25 -32.23 29.44
C ALA C 115 -26.25 -33.26 29.90
N ALA C 116 -26.75 -34.37 30.42
CA ALA C 116 -25.88 -35.43 30.89
C ALA C 116 -25.35 -36.21 29.69
N PRO C 117 -24.12 -36.71 29.79
CA PRO C 117 -23.51 -37.47 28.70
C PRO C 117 -24.06 -38.88 28.58
N THR C 118 -24.12 -39.38 27.35
CA THR C 118 -24.56 -40.74 27.06
C THR C 118 -23.29 -41.57 26.97
N VAL C 119 -23.04 -42.40 27.97
CA VAL C 119 -21.82 -43.20 28.01
C VAL C 119 -21.89 -44.63 27.47
N SER C 120 -20.90 -45.00 26.67
CA SER C 120 -20.81 -46.34 26.09
C SER C 120 -19.39 -46.84 26.31
N ILE C 121 -19.23 -48.16 26.42
CA ILE C 121 -17.92 -48.74 26.64
C ILE C 121 -17.77 -49.93 25.69
N PHE C 122 -16.65 -49.98 24.99
CA PHE C 122 -16.40 -51.04 24.03
C PHE C 122 -15.12 -51.82 24.31
N PRO C 123 -15.18 -53.16 24.19
CA PRO C 123 -14.02 -54.02 24.44
C PRO C 123 -13.11 -54.07 23.23
N PRO C 124 -11.83 -54.44 23.44
CA PRO C 124 -10.91 -54.51 22.32
C PRO C 124 -11.55 -55.35 21.24
N SER C 125 -11.27 -55.03 19.98
CA SER C 125 -11.85 -55.79 18.88
C SER C 125 -11.15 -57.14 18.72
N SER C 126 -11.88 -58.10 18.17
CA SER C 126 -11.35 -59.43 17.95
C SER C 126 -10.03 -59.36 17.19
N GLU C 127 -9.94 -58.45 16.22
CA GLU C 127 -8.73 -58.28 15.43
C GLU C 127 -7.59 -57.68 16.25
N GLN C 128 -7.77 -56.44 16.71
CA GLN C 128 -6.73 -55.79 17.50
C GLN C 128 -6.16 -56.79 18.51
N LEU C 129 -7.02 -57.70 18.95
CA LEU C 129 -6.66 -58.74 19.91
C LEU C 129 -5.69 -59.74 19.28
N THR C 130 -6.12 -60.42 18.22
CA THR C 130 -5.27 -61.38 17.53
C THR C 130 -4.27 -60.62 16.68
N SER C 131 -3.57 -59.68 17.31
CA SER C 131 -2.57 -58.86 16.66
C SER C 131 -1.67 -58.38 17.78
N GLY C 132 -2.05 -58.75 18.99
CA GLY C 132 -1.26 -58.38 20.16
C GLY C 132 -1.65 -57.05 20.75
N GLY C 133 -2.83 -56.57 20.41
CA GLY C 133 -3.27 -55.30 20.93
C GLY C 133 -4.62 -55.33 21.62
N ALA C 134 -4.80 -54.39 22.54
CA ALA C 134 -6.04 -54.28 23.28
C ALA C 134 -6.32 -52.83 23.65
N SER C 135 -7.38 -52.27 23.06
CA SER C 135 -7.80 -50.91 23.35
C SER C 135 -9.29 -50.90 23.75
N VAL C 136 -9.56 -50.30 24.90
CA VAL C 136 -10.93 -50.19 25.37
C VAL C 136 -11.38 -48.76 25.08
N VAL C 137 -12.38 -48.65 24.20
CA VAL C 137 -12.93 -47.36 23.79
C VAL C 137 -14.17 -46.96 24.59
N CYS C 138 -14.21 -45.72 25.04
CA CYS C 138 -15.36 -45.27 25.78
C CYS C 138 -15.88 -43.94 25.26
N PHE C 139 -17.14 -43.93 24.82
CA PHE C 139 -17.74 -42.72 24.28
C PHE C 139 -18.66 -41.97 25.23
N LEU C 140 -18.42 -40.66 25.38
CA LEU C 140 -19.25 -39.78 26.21
C LEU C 140 -19.84 -38.76 25.24
N ASN C 141 -21.05 -39.05 24.76
CA ASN C 141 -21.68 -38.18 23.78
C ASN C 141 -22.77 -37.21 24.21
N ASN C 142 -22.96 -36.23 23.33
CA ASN C 142 -23.96 -35.16 23.46
C ASN C 142 -24.27 -34.62 24.84
N PHE C 143 -23.28 -34.03 25.50
CA PHE C 143 -23.46 -33.44 26.82
C PHE C 143 -23.15 -31.94 26.78
N TYR C 144 -23.50 -31.24 27.86
CA TYR C 144 -23.22 -29.80 27.93
C TYR C 144 -23.22 -29.36 29.39
N PRO C 145 -22.26 -28.51 29.79
CA PRO C 145 -21.15 -27.87 29.06
C PRO C 145 -20.00 -28.78 28.68
N LYS C 146 -19.00 -28.19 28.01
CA LYS C 146 -17.83 -28.90 27.52
C LYS C 146 -17.04 -29.63 28.59
N ASP C 147 -16.89 -29.01 29.75
CA ASP C 147 -16.12 -29.58 30.85
C ASP C 147 -16.59 -30.91 31.38
N ILE C 148 -15.74 -31.92 31.28
CA ILE C 148 -16.09 -33.24 31.76
C ILE C 148 -14.85 -33.98 32.20
N ASN C 149 -15.03 -35.07 32.93
CA ASN C 149 -13.90 -35.83 33.43
C ASN C 149 -14.14 -37.33 33.36
N VAL C 150 -13.11 -38.07 32.98
CA VAL C 150 -13.24 -39.51 32.91
C VAL C 150 -12.10 -40.19 33.64
N LYS C 151 -12.41 -41.33 34.25
CA LYS C 151 -11.44 -42.14 34.97
C LYS C 151 -11.65 -43.56 34.51
N TRP C 152 -10.54 -44.29 34.39
CA TRP C 152 -10.61 -45.69 34.00
C TRP C 152 -10.21 -46.54 35.21
N LYS C 153 -10.79 -47.72 35.33
CA LYS C 153 -10.46 -48.61 36.43
C LYS C 153 -10.34 -50.02 35.90
N ILE C 154 -9.26 -50.68 36.26
CA ILE C 154 -9.02 -52.06 35.85
C ILE C 154 -9.15 -52.88 37.12
N ASP C 155 -10.18 -53.72 37.18
CA ASP C 155 -10.46 -54.51 38.37
C ASP C 155 -10.36 -53.62 39.60
N GLY C 156 -11.18 -52.58 39.60
CA GLY C 156 -11.23 -51.64 40.71
C GLY C 156 -10.06 -50.71 40.96
N SER C 157 -9.06 -50.69 40.10
CA SER C 157 -7.91 -49.79 40.31
C SER C 157 -7.80 -48.76 39.19
N GLU C 158 -7.44 -47.54 39.57
CA GLU C 158 -7.30 -46.45 38.61
C GLU C 158 -6.11 -46.65 37.69
N ARG C 159 -6.34 -46.42 36.39
CA ARG C 159 -5.29 -46.59 35.38
C ARG C 159 -4.86 -45.22 34.81
N GLN C 160 -3.65 -45.17 34.24
CA GLN C 160 -3.12 -43.93 33.69
C GLN C 160 -2.41 -44.05 32.33
N ASN C 161 -1.59 -45.09 32.17
CA ASN C 161 -0.84 -45.28 30.94
C ASN C 161 -1.62 -45.92 29.81
N GLY C 162 -1.75 -45.20 28.70
CA GLY C 162 -2.45 -45.74 27.56
C GLY C 162 -3.81 -45.10 27.31
N VAL C 163 -4.04 -43.96 27.93
CA VAL C 163 -5.29 -43.26 27.76
C VAL C 163 -5.14 -42.10 26.77
N LEU C 164 -6.03 -42.03 25.79
CA LEU C 164 -6.01 -40.97 24.78
C LEU C 164 -7.40 -40.33 24.69
N ASN C 165 -7.46 -39.03 24.94
CA ASN C 165 -8.73 -38.31 24.92
C ASN C 165 -8.87 -37.39 23.72
N SER C 166 -10.11 -37.22 23.25
CA SER C 166 -10.39 -36.36 22.11
C SER C 166 -11.81 -35.78 22.12
N TRP C 167 -11.92 -34.46 22.22
CA TRP C 167 -13.21 -33.79 22.23
C TRP C 167 -13.57 -33.30 20.84
N THR C 168 -14.87 -33.23 20.58
CA THR C 168 -15.36 -32.76 19.30
C THR C 168 -15.69 -31.29 19.41
N ASP C 169 -15.82 -30.61 18.27
CA ASP C 169 -16.19 -29.21 18.27
C ASP C 169 -17.67 -29.16 18.64
N GLN C 170 -18.17 -27.99 18.99
CA GLN C 170 -19.57 -27.90 19.37
C GLN C 170 -20.48 -28.31 18.18
N ASP C 171 -21.46 -29.15 18.48
CA ASP C 171 -22.40 -29.66 17.46
C ASP C 171 -23.29 -28.56 16.91
N SER C 172 -23.46 -28.53 15.59
CA SER C 172 -24.26 -27.48 14.96
C SER C 172 -25.77 -27.74 14.89
N LYS C 173 -26.20 -28.86 15.44
CA LYS C 173 -27.62 -29.18 15.42
C LYS C 173 -28.21 -29.00 16.81
N ASP C 174 -27.49 -29.43 17.85
CA ASP C 174 -27.99 -29.33 19.22
C ASP C 174 -27.08 -28.64 20.25
N SER C 175 -26.03 -27.98 19.75
CA SER C 175 -25.10 -27.25 20.61
C SER C 175 -24.48 -28.06 21.73
N THR C 176 -24.27 -29.36 21.53
CA THR C 176 -23.69 -30.16 22.60
C THR C 176 -22.26 -30.59 22.28
N TYR C 177 -21.62 -31.27 23.23
CA TYR C 177 -20.25 -31.72 23.03
C TYR C 177 -20.15 -33.23 23.25
N SER C 178 -19.10 -33.82 22.70
CA SER C 178 -18.87 -35.25 22.83
C SER C 178 -17.39 -35.47 23.09
N MET C 179 -17.06 -36.58 23.74
CA MET C 179 -15.69 -36.91 24.06
C MET C 179 -15.44 -38.39 23.85
N SER C 180 -14.23 -38.72 23.41
CA SER C 180 -13.86 -40.09 23.18
C SER C 180 -12.63 -40.42 23.98
N SER C 181 -12.68 -41.46 24.79
CA SER C 181 -11.52 -41.82 25.58
C SER C 181 -11.09 -43.22 25.23
N THR C 182 -9.80 -43.41 25.04
CA THR C 182 -9.30 -44.72 24.66
C THR C 182 -8.14 -45.22 25.50
N LEU C 183 -8.32 -46.40 26.08
CA LEU C 183 -7.29 -47.00 26.90
C LEU C 183 -6.65 -48.08 26.06
N THR C 184 -5.37 -47.92 25.78
CA THR C 184 -4.65 -48.89 24.97
C THR C 184 -3.69 -49.71 25.86
N LEU C 185 -3.81 -51.03 25.76
CA LEU C 185 -2.98 -51.94 26.53
C LEU C 185 -2.48 -53.09 25.68
N THR C 186 -1.55 -53.85 26.23
CA THR C 186 -1.00 -55.00 25.51
C THR C 186 -2.00 -56.14 25.67
N LYS C 187 -1.98 -57.09 24.75
CA LYS C 187 -2.90 -58.21 24.79
C LYS C 187 -2.82 -59.01 26.09
N ASP C 188 -1.60 -59.25 26.56
CA ASP C 188 -1.41 -60.01 27.78
C ASP C 188 -1.76 -59.18 29.01
N GLU C 189 -1.42 -57.91 28.96
CA GLU C 189 -1.71 -57.00 30.06
C GLU C 189 -3.23 -56.88 30.21
N TYR C 190 -3.93 -57.07 29.10
CA TYR C 190 -5.38 -56.98 29.06
C TYR C 190 -6.03 -58.25 29.59
N GLU C 191 -5.51 -59.40 29.16
CA GLU C 191 -6.06 -60.67 29.60
C GLU C 191 -5.59 -61.04 31.00
N ARG C 192 -4.78 -60.15 31.58
CA ARG C 192 -4.23 -60.32 32.93
C ARG C 192 -5.19 -59.76 33.99
N HIS C 193 -6.32 -59.24 33.52
CA HIS C 193 -7.35 -58.67 34.40
C HIS C 193 -8.72 -58.89 33.75
N ASN C 194 -9.79 -58.71 34.51
CA ASN C 194 -11.12 -58.98 33.98
C ASN C 194 -12.17 -57.87 33.92
N SER C 195 -12.19 -56.99 34.90
CA SER C 195 -13.19 -55.92 34.93
C SER C 195 -12.69 -54.54 34.51
N TYR C 196 -13.20 -54.05 33.38
CA TYR C 196 -12.81 -52.74 32.89
C TYR C 196 -13.95 -51.74 32.93
N THR C 197 -13.76 -50.67 33.69
CA THR C 197 -14.82 -49.67 33.80
C THR C 197 -14.41 -48.27 33.36
N CYS C 198 -15.37 -47.61 32.71
CA CYS C 198 -15.21 -46.25 32.22
C CYS C 198 -16.05 -45.38 33.14
N GLU C 199 -15.43 -44.40 33.78
CA GLU C 199 -16.17 -43.59 34.74
C GLU C 199 -16.18 -42.08 34.48
N ALA C 200 -17.35 -41.56 34.12
CA ALA C 200 -17.49 -40.13 33.83
C ALA C 200 -18.12 -39.31 34.97
N THR C 201 -17.62 -38.11 35.16
CA THR C 201 -18.13 -37.20 36.19
C THR C 201 -18.40 -35.85 35.54
N HIS C 202 -19.67 -35.51 35.43
CA HIS C 202 -20.07 -34.26 34.79
C HIS C 202 -20.94 -33.39 35.69
N LYS C 203 -20.80 -32.10 35.47
CA LYS C 203 -21.53 -31.04 36.17
C LYS C 203 -23.01 -31.42 36.38
N THR C 204 -23.56 -32.24 35.47
CA THR C 204 -24.96 -32.65 35.56
C THR C 204 -25.26 -33.70 36.63
N SER C 205 -24.33 -33.89 37.56
CA SER C 205 -24.53 -34.84 38.65
C SER C 205 -23.26 -35.02 39.48
N THR C 206 -23.44 -35.33 40.77
CA THR C 206 -22.32 -35.57 41.67
C THR C 206 -21.97 -37.05 41.62
N SER C 207 -22.94 -37.85 41.22
CA SER C 207 -22.76 -39.28 41.10
C SER C 207 -22.20 -39.56 39.71
N PRO C 208 -21.02 -40.19 39.64
CA PRO C 208 -20.38 -40.52 38.37
C PRO C 208 -21.18 -41.51 37.55
N ILE C 209 -21.19 -41.33 36.24
CA ILE C 209 -21.89 -42.25 35.37
C ILE C 209 -20.83 -43.29 35.00
N VAL C 210 -21.11 -44.55 35.32
CA VAL C 210 -20.13 -45.57 35.02
C VAL C 210 -20.69 -46.65 34.11
N LYS C 211 -19.81 -47.17 33.26
CA LYS C 211 -20.15 -48.22 32.33
C LYS C 211 -18.97 -49.17 32.38
N SER C 212 -19.22 -50.47 32.27
CA SER C 212 -18.12 -51.44 32.30
C SER C 212 -18.47 -52.76 31.64
N PHE C 213 -17.51 -53.69 31.70
CA PHE C 213 -17.69 -55.01 31.12
C PHE C 213 -16.64 -55.95 31.66
N ASN C 214 -16.95 -57.24 31.65
CA ASN C 214 -16.03 -58.26 32.12
C ASN C 214 -15.46 -59.02 30.93
N ARG C 215 -14.15 -59.12 30.88
CA ARG C 215 -13.49 -59.81 29.77
C ARG C 215 -14.02 -61.21 29.52
N ASN C 216 -14.36 -61.93 30.58
CA ASN C 216 -14.86 -63.30 30.43
C ASN C 216 -16.37 -63.36 30.23
N GLU C 217 -17.11 -62.48 30.89
CA GLU C 217 -18.55 -62.46 30.74
C GLU C 217 -18.92 -62.01 29.33
N CYS C 218 -19.97 -62.61 28.78
CA CYS C 218 -20.44 -62.30 27.44
C CYS C 218 -19.30 -62.42 26.41
N GLU D 1 -22.28 -21.67 -11.02
CA GLU D 1 -22.02 -21.85 -9.56
C GLU D 1 -20.52 -22.07 -9.32
N VAL D 2 -19.92 -21.13 -8.57
CA VAL D 2 -18.50 -21.12 -8.26
C VAL D 2 -17.96 -22.30 -7.46
N HIS D 3 -16.90 -22.89 -7.98
CA HIS D 3 -16.24 -24.02 -7.34
C HIS D 3 -14.72 -23.98 -7.51
N LEU D 4 -14.03 -24.28 -6.42
CA LEU D 4 -12.57 -24.33 -6.38
C LEU D 4 -12.21 -25.62 -5.67
N VAL D 5 -11.64 -26.57 -6.40
CA VAL D 5 -11.30 -27.85 -5.80
C VAL D 5 -9.79 -28.01 -5.76
N GLU D 6 -9.26 -28.34 -4.60
CA GLU D 6 -7.82 -28.48 -4.45
C GLU D 6 -7.37 -29.93 -4.50
N SER D 7 -6.05 -30.12 -4.65
CA SER D 7 -5.45 -31.45 -4.70
C SER D 7 -3.94 -31.36 -4.64
N GLY D 8 -3.29 -32.48 -4.34
CA GLY D 8 -1.85 -32.50 -4.25
C GLY D 8 -1.33 -32.52 -2.83
N GLY D 9 -2.23 -32.50 -1.85
CA GLY D 9 -1.79 -32.54 -0.46
C GLY D 9 -1.09 -33.85 -0.16
N ASP D 10 -0.11 -33.83 0.73
CA ASP D 10 0.63 -35.05 1.04
C ASP D 10 1.66 -34.83 2.12
N LEU D 11 2.36 -35.90 2.48
CA LEU D 11 3.41 -35.87 3.48
C LEU D 11 4.71 -35.63 2.71
N VAL D 12 5.60 -34.85 3.32
CA VAL D 12 6.88 -34.54 2.70
C VAL D 12 7.95 -34.40 3.76
N LYS D 13 9.12 -34.97 3.50
CA LYS D 13 10.24 -34.88 4.44
C LYS D 13 10.86 -33.51 4.26
N PRO D 14 11.45 -32.96 5.34
CA PRO D 14 12.06 -31.64 5.26
C PRO D 14 12.94 -31.48 4.02
N GLY D 15 12.99 -30.27 3.49
CA GLY D 15 13.81 -30.00 2.31
C GLY D 15 13.23 -30.55 1.03
N GLY D 16 12.03 -31.10 1.11
CA GLY D 16 11.40 -31.63 -0.09
C GLY D 16 10.59 -30.55 -0.79
N SER D 17 9.77 -30.99 -1.74
CA SER D 17 8.93 -30.05 -2.48
C SER D 17 7.57 -30.68 -2.84
N LEU D 18 6.58 -29.82 -3.05
CA LEU D 18 5.24 -30.28 -3.40
C LEU D 18 4.59 -29.24 -4.29
N LYS D 19 3.71 -29.70 -5.17
CA LYS D 19 3.01 -28.78 -6.04
C LYS D 19 1.50 -28.95 -5.84
N LEU D 20 0.88 -27.94 -5.24
CA LEU D 20 -0.55 -27.97 -5.02
C LEU D 20 -1.26 -27.41 -6.25
N SER D 21 -2.39 -28.00 -6.60
CA SER D 21 -3.16 -27.52 -7.74
C SER D 21 -4.55 -27.16 -7.20
N CYS D 22 -5.26 -26.29 -7.92
CA CYS D 22 -6.59 -25.85 -7.49
C CYS D 22 -7.47 -25.66 -8.71
N ALA D 23 -8.41 -26.59 -8.88
CA ALA D 23 -9.33 -26.56 -10.02
C ALA D 23 -10.42 -25.52 -9.82
N ALA D 24 -10.50 -24.58 -10.75
CA ALA D 24 -11.50 -23.52 -10.69
C ALA D 24 -12.61 -23.77 -11.70
N SER D 25 -13.82 -23.38 -11.35
CA SER D 25 -14.97 -23.53 -12.25
C SER D 25 -16.19 -22.70 -11.81
N GLY D 26 -17.11 -22.45 -12.74
CA GLY D 26 -18.30 -21.67 -12.45
C GLY D 26 -18.16 -20.16 -12.58
N PHE D 27 -17.11 -19.70 -13.26
CA PHE D 27 -16.87 -18.27 -13.44
C PHE D 27 -15.67 -18.11 -14.37
N THR D 28 -15.55 -16.95 -15.01
CA THR D 28 -14.44 -16.73 -15.93
C THR D 28 -13.11 -16.53 -15.21
N PHE D 29 -12.48 -17.64 -14.88
CA PHE D 29 -11.20 -17.69 -14.17
C PHE D 29 -10.22 -16.56 -14.50
N SER D 30 -9.93 -16.35 -15.78
CA SER D 30 -8.97 -15.33 -16.16
C SER D 30 -9.33 -13.93 -15.68
N HIS D 31 -10.59 -13.73 -15.32
CA HIS D 31 -11.04 -12.43 -14.87
C HIS D 31 -10.65 -12.10 -13.43
N TYR D 32 -10.06 -13.04 -12.71
CA TYR D 32 -9.72 -12.75 -11.32
C TYR D 32 -8.28 -12.97 -10.93
N GLY D 33 -7.99 -12.57 -9.70
CA GLY D 33 -6.66 -12.75 -9.15
C GLY D 33 -6.84 -13.92 -8.23
N MET D 34 -5.77 -14.67 -7.98
CA MET D 34 -5.88 -15.82 -7.11
C MET D 34 -4.86 -15.70 -5.99
N SER D 35 -5.10 -16.43 -4.91
CA SER D 35 -4.17 -16.40 -3.79
C SER D 35 -4.12 -17.77 -3.12
N TRP D 36 -3.06 -18.00 -2.36
CA TRP D 36 -2.95 -19.23 -1.62
C TRP D 36 -2.83 -18.73 -0.21
N VAL D 37 -3.61 -19.32 0.68
CA VAL D 37 -3.58 -18.94 2.08
C VAL D 37 -3.62 -20.23 2.89
N ARG D 38 -2.68 -20.36 3.83
CA ARG D 38 -2.63 -21.57 4.63
C ARG D 38 -3.07 -21.28 6.05
N GLN D 39 -3.56 -22.31 6.73
CA GLN D 39 -4.00 -22.18 8.11
C GLN D 39 -3.36 -23.26 8.95
N THR D 40 -2.84 -22.88 10.09
CA THR D 40 -2.19 -23.82 10.98
C THR D 40 -3.14 -24.25 12.10
N PRO D 41 -2.76 -25.27 12.88
CA PRO D 41 -3.63 -25.74 13.96
C PRO D 41 -4.08 -24.65 14.93
N ASP D 42 -3.32 -23.56 15.03
CA ASP D 42 -3.70 -22.49 15.93
C ASP D 42 -4.76 -21.56 15.31
N LYS D 43 -5.31 -22.02 14.17
CA LYS D 43 -6.35 -21.31 13.43
C LYS D 43 -5.98 -20.06 12.68
N ARG D 44 -4.82 -19.46 12.98
CA ARG D 44 -4.43 -18.24 12.28
C ARG D 44 -4.24 -18.42 10.78
N LEU D 45 -4.88 -17.54 10.01
CA LEU D 45 -4.81 -17.58 8.55
C LEU D 45 -3.61 -16.79 8.08
N GLU D 46 -2.82 -17.35 7.17
CA GLU D 46 -1.64 -16.65 6.69
C GLU D 46 -1.53 -16.65 5.17
N TRP D 47 -1.66 -15.47 4.58
CA TRP D 47 -1.56 -15.32 3.14
C TRP D 47 -0.15 -15.76 2.73
N VAL D 48 -0.07 -16.62 1.72
CA VAL D 48 1.22 -17.11 1.32
C VAL D 48 1.67 -16.68 -0.07
N ALA D 49 0.72 -16.30 -0.93
CA ALA D 49 1.02 -15.86 -2.29
C ALA D 49 -0.21 -15.48 -3.10
N THR D 50 -0.17 -14.37 -3.84
CA THR D 50 -1.30 -14.05 -4.70
C THR D 50 -0.76 -13.84 -6.12
N ILE D 51 -1.62 -13.96 -7.14
CA ILE D 51 -1.24 -13.75 -8.54
C ILE D 51 -2.36 -12.94 -9.20
N GLY D 52 -1.98 -11.95 -10.02
CA GLY D 52 -2.96 -11.09 -10.69
C GLY D 52 -3.77 -11.69 -11.84
N SER D 53 -4.93 -11.08 -12.12
CA SER D 53 -5.82 -11.56 -13.18
C SER D 53 -5.09 -11.68 -14.51
N ARG D 54 -4.16 -10.78 -14.77
CA ARG D 54 -3.42 -10.90 -16.01
C ARG D 54 -2.50 -12.10 -15.88
N GLY D 55 -1.84 -12.24 -14.74
CA GLY D 55 -0.96 -13.39 -14.55
C GLY D 55 0.55 -13.23 -14.52
N THR D 56 1.03 -11.98 -14.52
CA THR D 56 2.47 -11.72 -14.48
C THR D 56 2.89 -11.20 -13.11
N TYR D 57 1.95 -10.56 -12.43
CA TYR D 57 2.23 -10.02 -11.11
C TYR D 57 2.04 -11.11 -10.07
N THR D 58 3.11 -11.43 -9.33
CA THR D 58 3.02 -12.43 -8.29
C THR D 58 3.56 -11.74 -7.05
N HIS D 59 3.06 -12.13 -5.87
CA HIS D 59 3.50 -11.50 -4.63
C HIS D 59 3.44 -12.54 -3.50
N TYR D 60 4.49 -12.60 -2.70
CA TYR D 60 4.53 -13.53 -1.59
C TYR D 60 5.07 -12.79 -0.38
N PRO D 61 4.80 -13.29 0.84
CA PRO D 61 5.33 -12.59 2.00
C PRO D 61 6.77 -13.08 2.20
N ASP D 62 7.48 -12.45 3.12
CA ASP D 62 8.88 -12.82 3.34
C ASP D 62 9.02 -14.26 3.83
N SER D 63 8.05 -14.74 4.60
CA SER D 63 8.13 -16.10 5.13
C SER D 63 8.26 -17.24 4.10
N VAL D 64 7.96 -16.97 2.83
CA VAL D 64 8.05 -18.01 1.79
C VAL D 64 8.81 -17.61 0.53
N LYS D 65 9.06 -16.31 0.35
CA LYS D 65 9.75 -15.82 -0.83
C LYS D 65 11.03 -16.59 -1.05
N GLY D 66 11.21 -17.07 -2.27
CA GLY D 66 12.39 -17.84 -2.61
C GLY D 66 12.09 -19.33 -2.67
N ARG D 67 11.15 -19.78 -1.84
CA ARG D 67 10.79 -21.20 -1.83
C ARG D 67 9.52 -21.52 -2.62
N PHE D 68 8.53 -20.64 -2.53
CA PHE D 68 7.23 -20.81 -3.19
C PHE D 68 7.09 -20.00 -4.46
N THR D 69 6.22 -20.46 -5.36
CA THR D 69 5.95 -19.76 -6.61
C THR D 69 4.56 -20.14 -7.10
N ILE D 70 3.71 -19.12 -7.26
CA ILE D 70 2.35 -19.32 -7.74
C ILE D 70 2.32 -19.21 -9.25
N SER D 71 1.45 -20.00 -9.86
CA SER D 71 1.29 -19.99 -11.31
C SER D 71 -0.14 -20.36 -11.68
N ARG D 72 -0.55 -20.02 -12.89
CA ARG D 72 -1.90 -20.33 -13.33
C ARG D 72 -1.93 -20.67 -14.80
N ASP D 73 -2.87 -21.54 -15.15
CA ASP D 73 -3.08 -21.95 -16.53
C ASP D 73 -4.55 -21.65 -16.79
N ASN D 74 -4.82 -20.49 -17.35
CA ASN D 74 -6.20 -20.11 -17.59
C ASN D 74 -6.91 -21.01 -18.60
N ASP D 75 -6.16 -21.65 -19.48
CA ASP D 75 -6.78 -22.53 -20.46
C ASP D 75 -7.28 -23.78 -19.76
N LYS D 76 -6.64 -24.13 -18.65
CA LYS D 76 -7.04 -25.30 -17.89
C LYS D 76 -7.77 -24.89 -16.60
N ASN D 77 -8.11 -23.62 -16.49
CA ASN D 77 -8.80 -23.12 -15.30
C ASN D 77 -8.16 -23.65 -14.05
N ALA D 78 -6.87 -23.42 -13.88
CA ALA D 78 -6.17 -23.93 -12.72
C ALA D 78 -5.11 -23.04 -12.09
N LEU D 79 -5.06 -23.10 -10.77
CA LEU D 79 -4.11 -22.36 -9.98
C LEU D 79 -3.13 -23.38 -9.40
N TYR D 80 -1.85 -23.01 -9.37
CA TYR D 80 -0.83 -23.90 -8.84
C TYR D 80 0.02 -23.20 -7.81
N LEU D 81 0.64 -23.97 -6.93
CA LEU D 81 1.52 -23.43 -5.90
C LEU D 81 2.66 -24.43 -5.73
N GLN D 82 3.84 -24.08 -6.24
CA GLN D 82 5.01 -24.94 -6.13
C GLN D 82 5.74 -24.58 -4.85
N MET D 83 6.03 -25.58 -4.03
CA MET D 83 6.72 -25.36 -2.77
C MET D 83 8.02 -26.14 -2.76
N ASN D 84 9.10 -25.47 -2.36
CA ASN D 84 10.43 -26.07 -2.30
C ASN D 84 11.07 -25.81 -0.94
N SER D 85 12.06 -26.63 -0.61
CA SER D 85 12.77 -26.47 0.66
C SER D 85 11.75 -26.38 1.78
N LEU D 86 10.83 -27.33 1.80
CA LEU D 86 9.77 -27.38 2.79
C LEU D 86 10.26 -27.60 4.21
N LYS D 87 9.95 -26.65 5.09
CA LYS D 87 10.32 -26.74 6.49
C LYS D 87 9.14 -27.43 7.18
N SER D 88 9.32 -27.80 8.44
CA SER D 88 8.23 -28.45 9.15
C SER D 88 7.18 -27.38 9.43
N GLU D 89 7.64 -26.15 9.57
CA GLU D 89 6.77 -25.02 9.87
C GLU D 89 5.72 -24.76 8.79
N ASP D 90 5.98 -25.24 7.57
CA ASP D 90 5.04 -25.04 6.49
C ASP D 90 3.87 -26.01 6.59
N THR D 91 3.93 -26.97 7.52
CA THR D 91 2.83 -27.91 7.65
C THR D 91 1.59 -27.12 8.04
N ALA D 92 0.51 -27.33 7.30
CA ALA D 92 -0.72 -26.63 7.56
C ALA D 92 -1.75 -26.99 6.51
N MET D 93 -2.91 -26.36 6.59
CA MET D 93 -3.97 -26.60 5.62
C MET D 93 -3.84 -25.49 4.58
N TYR D 94 -3.65 -25.86 3.34
CA TYR D 94 -3.50 -24.88 2.28
C TYR D 94 -4.76 -24.67 1.45
N TYR D 95 -5.29 -23.45 1.49
CA TYR D 95 -6.48 -23.12 0.70
C TYR D 95 -6.10 -22.19 -0.45
N CYS D 96 -6.89 -22.23 -1.51
CA CYS D 96 -6.67 -21.31 -2.62
C CYS D 96 -7.92 -20.45 -2.54
N ALA D 97 -7.86 -19.24 -3.06
CA ALA D 97 -9.04 -18.37 -3.02
C ALA D 97 -9.08 -17.43 -4.19
N ARG D 98 -10.29 -17.02 -4.52
CA ARG D 98 -10.48 -16.09 -5.61
C ARG D 98 -10.15 -14.71 -5.07
N ARG D 99 -9.33 -13.98 -5.79
CA ARG D 99 -8.96 -12.66 -5.33
C ARG D 99 -9.59 -11.59 -6.22
N SER D 100 -10.81 -11.18 -5.89
CA SER D 100 -11.50 -10.15 -6.66
C SER D 100 -11.16 -8.73 -6.23
N GLU D 101 -10.71 -7.92 -7.18
CA GLU D 101 -10.43 -6.52 -6.92
C GLU D 101 -10.86 -5.80 -8.19
N PHE D 102 -11.96 -5.06 -8.09
CA PHE D 102 -12.48 -4.33 -9.24
C PHE D 102 -12.95 -2.94 -8.88
N TYR D 103 -13.05 -2.10 -9.90
CA TYR D 103 -13.51 -0.74 -9.77
C TYR D 103 -15.03 -0.81 -9.75
N TYR D 104 -15.58 -1.73 -10.53
CA TYR D 104 -17.02 -1.91 -10.61
C TYR D 104 -17.35 -3.39 -10.84
N TYR D 105 -18.08 -3.99 -9.91
CA TYR D 105 -18.44 -5.40 -10.02
C TYR D 105 -19.88 -5.64 -9.61
N GLY D 106 -20.69 -6.13 -10.55
CA GLY D 106 -22.09 -6.38 -10.26
C GLY D 106 -22.76 -5.04 -10.07
N ASN D 107 -23.18 -4.76 -8.84
CA ASN D 107 -23.84 -3.50 -8.50
C ASN D 107 -22.88 -2.70 -7.64
N THR D 108 -21.67 -3.20 -7.44
CA THR D 108 -20.74 -2.53 -6.54
C THR D 108 -19.50 -1.82 -7.07
N TYR D 109 -19.18 -0.70 -6.43
CA TYR D 109 -17.98 0.04 -6.77
C TYR D 109 -16.89 -0.45 -5.82
N TYR D 110 -15.64 -0.31 -6.25
CA TYR D 110 -14.51 -0.76 -5.43
C TYR D 110 -14.88 -2.03 -4.67
N TYR D 111 -14.84 -3.14 -5.40
CA TYR D 111 -15.16 -4.41 -4.83
C TYR D 111 -13.89 -5.25 -4.80
N SER D 112 -13.42 -5.53 -3.59
CA SER D 112 -12.23 -6.33 -3.44
C SER D 112 -12.47 -7.27 -2.27
N ALA D 113 -12.31 -8.56 -2.54
CA ALA D 113 -12.55 -9.60 -1.55
C ALA D 113 -12.10 -10.95 -2.05
N MET D 114 -11.61 -11.77 -1.11
CA MET D 114 -11.22 -13.13 -1.43
C MET D 114 -12.57 -13.80 -1.17
N ASP D 115 -13.42 -13.76 -2.19
CA ASP D 115 -14.78 -14.25 -2.05
C ASP D 115 -15.14 -15.71 -2.12
N TYR D 116 -14.24 -16.57 -2.63
CA TYR D 116 -14.53 -18.00 -2.72
C TYR D 116 -13.27 -18.81 -2.46
N TRP D 117 -13.36 -19.76 -1.52
CA TRP D 117 -12.22 -20.59 -1.16
C TRP D 117 -12.39 -22.07 -1.43
N GLY D 118 -11.28 -22.75 -1.68
CA GLY D 118 -11.29 -24.18 -1.93
C GLY D 118 -11.47 -24.94 -0.64
N GLN D 119 -11.64 -26.26 -0.74
CA GLN D 119 -11.84 -27.09 0.46
C GLN D 119 -10.56 -27.22 1.29
N GLY D 120 -9.42 -27.04 0.63
CA GLY D 120 -8.15 -27.16 1.34
C GLY D 120 -7.33 -28.39 0.96
N ALA D 121 -6.02 -28.30 1.18
CA ALA D 121 -5.12 -29.40 0.88
C ALA D 121 -4.16 -29.54 2.07
N SER D 122 -4.29 -30.65 2.78
CA SER D 122 -3.45 -30.90 3.94
C SER D 122 -2.02 -31.14 3.48
N VAL D 123 -1.07 -30.51 4.16
CA VAL D 123 0.33 -30.69 3.83
C VAL D 123 1.12 -30.92 5.10
N THR D 124 1.82 -32.05 5.16
CA THR D 124 2.63 -32.38 6.33
C THR D 124 4.09 -32.56 5.95
N VAL D 125 4.95 -31.93 6.72
CA VAL D 125 6.39 -32.02 6.51
C VAL D 125 6.97 -32.76 7.71
N SER D 126 7.27 -34.04 7.52
CA SER D 126 7.80 -34.90 8.58
C SER D 126 8.65 -36.01 8.00
N SER D 127 9.69 -36.39 8.74
CA SER D 127 10.57 -37.46 8.30
C SER D 127 9.93 -38.84 8.54
N ALA D 128 8.93 -38.88 9.41
CA ALA D 128 8.25 -40.13 9.75
C ALA D 128 7.67 -40.83 8.53
N LYS D 129 7.63 -42.15 8.58
CA LYS D 129 7.10 -42.95 7.48
C LYS D 129 5.58 -42.85 7.39
N THR D 130 5.07 -43.20 6.21
CA THR D 130 3.65 -43.22 5.93
C THR D 130 3.11 -44.58 6.35
N THR D 131 2.19 -44.59 7.31
CA THR D 131 1.63 -45.83 7.81
C THR D 131 0.11 -45.91 7.68
N PRO D 132 -0.41 -46.95 7.01
CA PRO D 132 -1.87 -47.07 6.87
C PRO D 132 -2.47 -47.29 8.27
N PRO D 133 -3.77 -47.06 8.42
CA PRO D 133 -4.34 -47.28 9.74
C PRO D 133 -4.95 -48.65 9.90
N SER D 134 -5.14 -49.05 11.15
CA SER D 134 -5.75 -50.34 11.46
C SER D 134 -7.18 -49.99 11.84
N VAL D 135 -8.14 -50.51 11.09
CA VAL D 135 -9.55 -50.24 11.36
C VAL D 135 -10.24 -51.34 12.17
N TYR D 136 -10.54 -51.06 13.44
CA TYR D 136 -11.20 -52.03 14.30
C TYR D 136 -12.66 -51.67 14.62
N PRO D 137 -13.60 -52.61 14.42
CA PRO D 137 -15.02 -52.38 14.70
C PRO D 137 -15.30 -52.34 16.20
N LEU D 138 -16.30 -51.55 16.59
CA LEU D 138 -16.68 -51.40 18.00
C LEU D 138 -18.17 -51.68 18.20
N ALA D 139 -18.48 -52.89 18.65
CA ALA D 139 -19.87 -53.27 18.88
C ALA D 139 -20.13 -53.34 20.39
N PRO D 140 -21.41 -53.28 20.79
CA PRO D 140 -21.80 -53.32 22.20
C PRO D 140 -21.23 -54.50 22.99
N GLY D 141 -20.75 -54.23 24.19
CA GLY D 141 -20.16 -55.25 25.04
C GLY D 141 -21.02 -56.49 25.26
N SER D 142 -22.25 -56.30 25.72
CA SER D 142 -23.15 -57.42 25.97
C SER D 142 -24.48 -57.25 25.21
N ALA D 143 -25.55 -57.68 25.86
CA ALA D 143 -26.90 -57.55 25.32
C ALA D 143 -27.60 -56.59 26.29
N ALA D 144 -26.79 -55.97 27.15
CA ALA D 144 -27.26 -55.05 28.18
C ALA D 144 -27.83 -53.74 27.61
N GLN D 145 -27.37 -53.35 26.43
CA GLN D 145 -27.85 -52.11 25.82
C GLN D 145 -29.25 -52.27 25.23
N THR D 146 -30.12 -52.96 25.97
CA THR D 146 -31.50 -53.15 25.55
C THR D 146 -32.15 -51.78 25.66
N ASN D 147 -32.39 -51.18 24.51
CA ASN D 147 -32.96 -49.84 24.45
C ASN D 147 -33.64 -49.73 23.09
N SER D 148 -34.08 -48.51 22.76
CA SER D 148 -34.69 -48.26 21.47
C SER D 148 -33.58 -47.79 20.54
N MET D 149 -32.41 -47.55 21.12
CA MET D 149 -31.23 -47.10 20.38
C MET D 149 -29.92 -47.74 20.85
N VAL D 150 -28.98 -47.89 19.92
CA VAL D 150 -27.69 -48.46 20.23
C VAL D 150 -26.58 -47.63 19.57
N THR D 151 -25.46 -47.51 20.26
CA THR D 151 -24.32 -46.75 19.77
C THR D 151 -23.21 -47.69 19.33
N LEU D 152 -22.65 -47.41 18.17
CA LEU D 152 -21.57 -48.22 17.62
C LEU D 152 -20.42 -47.29 17.26
N GLY D 153 -19.30 -47.88 16.83
CA GLY D 153 -18.17 -47.05 16.46
C GLY D 153 -17.03 -47.80 15.79
N CYS D 154 -16.14 -47.04 15.16
CA CYS D 154 -14.98 -47.61 14.50
C CYS D 154 -13.74 -47.00 15.12
N LEU D 155 -12.73 -47.83 15.30
CA LEU D 155 -11.46 -47.38 15.87
C LEU D 155 -10.47 -47.32 14.71
N VAL D 156 -9.73 -46.23 14.61
CA VAL D 156 -8.75 -46.07 13.55
C VAL D 156 -7.41 -45.74 14.19
N LYS D 157 -6.58 -46.75 14.39
CA LYS D 157 -5.28 -46.57 15.05
C LYS D 157 -4.04 -46.81 14.18
N GLY D 158 -2.93 -46.20 14.61
CA GLY D 158 -1.65 -46.33 13.94
C GLY D 158 -1.45 -45.87 12.50
N TYR D 159 -1.86 -44.66 12.18
CA TYR D 159 -1.68 -44.19 10.82
C TYR D 159 -0.95 -42.86 10.80
N PHE D 160 -0.38 -42.54 9.65
CA PHE D 160 0.33 -41.29 9.47
C PHE D 160 0.51 -41.04 7.98
N PRO D 161 0.32 -39.80 7.54
CA PRO D 161 -0.05 -38.67 8.40
C PRO D 161 -1.54 -38.41 8.30
N GLU D 162 -1.97 -37.27 8.83
CA GLU D 162 -3.37 -36.90 8.72
C GLU D 162 -3.53 -36.55 7.23
N PRO D 163 -4.75 -36.66 6.70
CA PRO D 163 -5.94 -37.08 7.44
C PRO D 163 -6.53 -38.37 6.87
N VAL D 164 -7.64 -38.79 7.48
CA VAL D 164 -8.40 -39.95 7.05
C VAL D 164 -9.84 -39.48 7.03
N THR D 165 -10.66 -40.08 6.19
CA THR D 165 -12.05 -39.70 6.10
C THR D 165 -12.92 -40.88 6.54
N VAL D 166 -13.80 -40.63 7.50
CA VAL D 166 -14.69 -41.66 8.00
C VAL D 166 -16.12 -41.46 7.54
N THR D 167 -16.82 -42.55 7.25
CA THR D 167 -18.20 -42.48 6.84
C THR D 167 -18.95 -43.71 7.28
N TRP D 168 -20.24 -43.58 7.51
CA TRP D 168 -21.02 -44.72 7.93
C TRP D 168 -22.03 -45.03 6.85
N ASN D 169 -22.05 -46.29 6.42
CA ASN D 169 -22.95 -46.74 5.37
C ASN D 169 -22.82 -45.85 4.14
N SER D 170 -21.57 -45.48 3.84
CA SER D 170 -21.22 -44.64 2.69
C SER D 170 -21.90 -43.29 2.63
N GLY D 171 -22.36 -42.78 3.78
CA GLY D 171 -23.00 -41.48 3.80
C GLY D 171 -24.48 -41.55 4.09
N SER D 172 -25.04 -42.75 4.00
CA SER D 172 -26.46 -42.93 4.26
C SER D 172 -26.73 -42.53 5.71
N LEU D 173 -25.81 -42.87 6.60
CA LEU D 173 -25.94 -42.52 8.01
C LEU D 173 -25.14 -41.27 8.29
N SER D 174 -25.85 -40.17 8.48
CA SER D 174 -25.24 -38.87 8.76
C SER D 174 -25.48 -38.39 10.18
N SER D 175 -26.73 -38.44 10.62
CA SER D 175 -27.07 -38.00 11.95
C SER D 175 -26.72 -39.06 12.98
N GLY D 176 -26.45 -38.63 14.20
CA GLY D 176 -26.10 -39.58 15.24
C GLY D 176 -24.66 -40.01 15.12
N VAL D 177 -23.92 -39.33 14.27
CA VAL D 177 -22.51 -39.65 14.07
C VAL D 177 -21.60 -38.64 14.76
N HIS D 178 -20.51 -39.16 15.31
CA HIS D 178 -19.51 -38.36 15.98
C HIS D 178 -18.13 -38.90 15.61
N THR D 179 -17.42 -38.16 14.77
CA THR D 179 -16.08 -38.55 14.34
C THR D 179 -15.16 -37.59 15.06
N PHE D 180 -14.37 -38.11 15.99
CA PHE D 180 -13.49 -37.27 16.80
C PHE D 180 -12.13 -36.95 16.19
N PRO D 181 -11.54 -35.81 16.61
CA PRO D 181 -10.23 -35.37 16.12
C PRO D 181 -9.21 -36.43 16.45
N ALA D 182 -8.29 -36.68 15.54
CA ALA D 182 -7.26 -37.67 15.78
C ALA D 182 -6.26 -37.14 16.80
N VAL D 183 -5.65 -38.06 17.54
CA VAL D 183 -4.66 -37.69 18.55
C VAL D 183 -3.27 -38.19 18.11
N LEU D 184 -2.24 -37.45 18.48
CA LEU D 184 -0.88 -37.79 18.13
C LEU D 184 -0.19 -38.54 19.26
N GLN D 185 0.36 -39.71 18.91
CA GLN D 185 1.05 -40.54 19.88
C GLN D 185 2.32 -41.08 19.24
N SER D 186 3.46 -40.53 19.64
CA SER D 186 4.76 -40.95 19.11
C SER D 186 4.72 -41.22 17.60
N ASP D 187 4.46 -40.17 16.84
CA ASP D 187 4.41 -40.25 15.39
C ASP D 187 3.39 -41.24 14.82
N LEU D 188 2.21 -41.26 15.43
CA LEU D 188 1.11 -42.12 14.99
C LEU D 188 -0.22 -41.61 15.53
N TYR D 189 -1.07 -41.17 14.62
CA TYR D 189 -2.38 -40.65 14.97
C TYR D 189 -3.37 -41.78 15.19
N THR D 190 -4.41 -41.48 15.95
CA THR D 190 -5.46 -42.44 16.23
C THR D 190 -6.76 -41.67 16.48
N LEU D 191 -7.85 -42.11 15.86
CA LEU D 191 -9.13 -41.47 16.07
C LEU D 191 -10.24 -42.49 16.02
N SER D 192 -11.39 -42.12 16.55
CA SER D 192 -12.54 -43.01 16.57
C SER D 192 -13.75 -42.28 16.02
N SER D 193 -14.82 -43.02 15.78
CA SER D 193 -16.04 -42.44 15.28
C SER D 193 -17.14 -43.26 15.92
N SER D 194 -18.27 -42.64 16.19
CA SER D 194 -19.37 -43.36 16.79
C SER D 194 -20.66 -42.94 16.13
N VAL D 195 -21.56 -43.90 15.97
CA VAL D 195 -22.85 -43.66 15.34
C VAL D 195 -23.92 -44.31 16.20
N THR D 196 -25.00 -43.58 16.48
CA THR D 196 -26.08 -44.12 17.27
C THR D 196 -27.29 -44.29 16.38
N VAL D 197 -27.91 -45.46 16.42
CA VAL D 197 -29.08 -45.75 15.61
C VAL D 197 -30.09 -46.55 16.42
N PRO D 198 -31.32 -46.68 15.92
CA PRO D 198 -32.33 -47.45 16.65
C PRO D 198 -31.99 -48.92 16.60
N SER D 199 -32.36 -49.65 17.65
CA SER D 199 -32.12 -51.08 17.76
C SER D 199 -32.90 -51.81 16.67
N SER D 200 -33.80 -51.09 16.02
CA SER D 200 -34.61 -51.64 14.96
C SER D 200 -33.78 -51.82 13.70
N THR D 201 -32.89 -50.88 13.42
CA THR D 201 -32.06 -50.96 12.23
C THR D 201 -30.84 -51.86 12.38
N TRP D 202 -30.40 -52.09 13.60
CA TRP D 202 -29.23 -52.95 13.82
C TRP D 202 -29.46 -53.95 14.94
N PRO D 203 -29.03 -55.20 14.75
CA PRO D 203 -28.33 -55.73 13.58
C PRO D 203 -29.24 -56.16 12.41
N SER D 204 -30.52 -55.80 12.48
CA SER D 204 -31.47 -56.14 11.43
C SER D 204 -30.92 -55.71 10.08
N GLU D 205 -30.24 -54.57 10.05
CA GLU D 205 -29.66 -54.05 8.82
C GLU D 205 -28.17 -53.75 9.05
N THR D 206 -27.40 -53.81 7.98
CA THR D 206 -25.97 -53.58 8.08
C THR D 206 -25.56 -52.21 8.54
N VAL D 207 -24.41 -52.15 9.18
CA VAL D 207 -23.82 -50.91 9.65
C VAL D 207 -22.32 -51.07 9.36
N THR D 208 -21.83 -50.27 8.42
CA THR D 208 -20.42 -50.35 8.06
C THR D 208 -19.77 -48.98 7.99
N CYS D 209 -18.52 -48.88 8.47
CA CYS D 209 -17.83 -47.61 8.39
C CYS D 209 -16.83 -47.68 7.25
N ASN D 210 -16.70 -46.56 6.54
CA ASN D 210 -15.78 -46.46 5.43
C ASN D 210 -14.66 -45.55 5.89
N VAL D 211 -13.45 -46.08 5.92
CA VAL D 211 -12.31 -45.28 6.32
C VAL D 211 -11.42 -45.19 5.08
N ALA D 212 -10.59 -44.16 5.02
CA ALA D 212 -9.70 -44.00 3.88
C ALA D 212 -8.51 -43.13 4.20
N HIS D 213 -7.33 -43.61 3.84
CA HIS D 213 -6.07 -42.89 4.06
C HIS D 213 -5.44 -42.66 2.69
N PRO D 214 -5.63 -41.46 2.11
CA PRO D 214 -5.09 -41.09 0.80
C PRO D 214 -3.57 -41.15 0.71
N ALA D 215 -2.91 -40.92 1.85
CA ALA D 215 -1.45 -40.93 1.92
C ALA D 215 -0.87 -42.29 1.56
N SER D 216 -1.59 -43.35 1.89
CA SER D 216 -1.12 -44.71 1.59
C SER D 216 -2.12 -45.49 0.76
N SER D 217 -2.91 -44.78 -0.03
CA SER D 217 -3.92 -45.39 -0.89
C SER D 217 -4.71 -46.48 -0.16
N THR D 218 -5.20 -46.17 1.04
CA THR D 218 -5.96 -47.13 1.82
C THR D 218 -7.47 -46.90 1.73
N LYS D 219 -8.24 -47.95 2.00
CA LYS D 219 -9.69 -47.85 1.99
C LYS D 219 -10.33 -49.13 2.51
N VAL D 220 -10.63 -49.12 3.81
CA VAL D 220 -11.24 -50.27 4.47
C VAL D 220 -12.71 -50.00 4.80
N ASP D 221 -13.52 -51.05 4.73
CA ASP D 221 -14.95 -50.96 5.02
C ASP D 221 -15.32 -52.02 6.05
N LYS D 222 -15.08 -51.73 7.34
CA LYS D 222 -15.38 -52.68 8.41
C LYS D 222 -16.84 -52.74 8.82
N LYS D 223 -17.51 -53.82 8.47
CA LYS D 223 -18.90 -54.00 8.87
C LYS D 223 -18.91 -54.37 10.34
N ILE D 224 -19.67 -53.64 11.15
CA ILE D 224 -19.73 -53.93 12.57
C ILE D 224 -20.67 -55.12 12.80
N VAL D 225 -20.18 -56.10 13.54
CA VAL D 225 -20.96 -57.30 13.80
C VAL D 225 -21.16 -57.50 15.30
N PRO D 226 -22.27 -58.14 15.70
CA PRO D 226 -22.54 -58.38 17.12
C PRO D 226 -21.55 -59.37 17.73
N ARG D 227 -21.27 -59.23 19.01
CA ARG D 227 -20.33 -60.12 19.69
C ARG D 227 -20.95 -61.48 20.05
N ASP D 228 -20.10 -62.50 20.14
CA ASP D 228 -20.51 -63.88 20.48
C ASP D 228 -21.24 -64.63 19.35
N GLU E 1 -8.09 -0.86 -5.51
CA GLU E 1 -6.98 -0.02 -4.98
C GLU E 1 -6.08 0.52 -6.12
N GLN E 2 -5.53 1.74 -5.91
CA GLN E 2 -4.63 2.37 -6.87
C GLN E 2 -3.47 3.02 -6.14
N LYS E 3 -2.25 2.69 -6.56
CA LYS E 3 -1.06 3.23 -5.93
C LYS E 3 0.21 3.03 -6.76
N LEU E 4 1.18 3.91 -6.52
CA LEU E 4 2.45 3.83 -7.20
C LEU E 4 3.27 2.78 -6.49
N ILE E 5 4.25 2.23 -7.18
CA ILE E 5 5.10 1.17 -6.63
C ILE E 5 6.45 1.14 -7.31
N SER E 6 7.37 0.38 -6.75
CA SER E 6 8.70 0.28 -7.33
C SER E 6 8.64 -0.71 -8.49
N GLU E 7 9.60 -0.60 -9.40
CA GLU E 7 9.64 -1.52 -10.52
C GLU E 7 9.78 -2.91 -9.94
N GLU E 8 10.47 -3.03 -8.80
CA GLU E 8 10.66 -4.32 -8.16
C GLU E 8 9.37 -4.97 -7.67
N ASP E 9 8.46 -4.16 -7.12
CA ASP E 9 7.19 -4.70 -6.66
C ASP E 9 6.29 -4.92 -7.85
N LEU E 10 6.80 -4.59 -9.04
CA LEU E 10 6.00 -4.74 -10.24
C LEU E 10 5.71 -6.19 -10.62
N ASN E 11 6.72 -7.05 -10.66
CA ASN E 11 6.50 -8.44 -11.04
C ASN E 11 5.91 -9.35 -9.94
#